data_8QWY
#
_entry.id   8QWY
#
_cell.length_a   127.968
_cell.length_b   127.968
_cell.length_c   125.127
_cell.angle_alpha   90.00
_cell.angle_beta   90.00
_cell.angle_gamma   90.00
#
_symmetry.space_group_name_H-M   'P 43 21 2'
#
loop_
_entity.id
_entity.type
_entity.pdbx_description
1 polymer 'Casein kinase II subunit alpha'
2 non-polymer 'SULFATE ION'
3 non-polymer '4-[6-[(2-methoxy-5-propan-2-yloxy-phenyl)amino]pyrazin-2-yl]benzoic acid'
4 water water
#
_entity_poly.entity_id   1
_entity_poly.type   'polypeptide(L)'
_entity_poly.pdbx_seq_one_letter_code
;SMSGPVPSRARVYTDVNTHRPREYWDYESHVVEWGNQDDYQLVRKLGRGKYSEVFEAINITNNEKVVVKILKPVKKKKIK
REIKILENLRGGPNIITLADIVKDPVSRTPALVFEHVNNTDFKQLYQTLTDYDIRFYMYEILKALDYCHSMGIMHRDVKP
HNVMIDHEHRKLRLIDWGLAEFYHPGQEYNVRVASRYFKGPELLVDYQMYDYSLDMWSLGCMLASMIFRKEPFFHGHDNY
DQLVRIAKVLGTEDLYDYIDKYNIELDPRFNDILGRHSRKRWERFVHSENQHLVSPEALDFLDKLLRYDHQSRLTAREAM
EHPYFYTVVKDQARMGSS
;
_entity_poly.pdbx_strand_id   A,B
#
loop_
_chem_comp.id
_chem_comp.type
_chem_comp.name
_chem_comp.formula
SO4 non-polymer 'SULFATE ION' 'O4 S -2'
X59 non-polymer '4-[6-[(2-methoxy-5-propan-2-yloxy-phenyl)amino]pyrazin-2-yl]benzoic acid' 'C21 H21 N3 O4'
#
# COMPACT_ATOMS: atom_id res chain seq x y z
N SER A 3 6.15 -12.71 -35.04
CA SER A 3 7.12 -11.94 -35.85
C SER A 3 7.19 -10.50 -35.36
N GLY A 4 8.19 -10.23 -34.53
CA GLY A 4 8.51 -8.87 -34.13
C GLY A 4 7.83 -8.49 -32.82
N PRO A 5 8.47 -7.65 -31.98
CA PRO A 5 7.85 -7.10 -30.78
C PRO A 5 6.97 -5.87 -31.03
N VAL A 6 6.02 -5.63 -30.13
CA VAL A 6 5.04 -4.58 -30.31
C VAL A 6 5.71 -3.23 -30.04
N PRO A 7 5.48 -2.22 -30.92
CA PRO A 7 6.04 -0.88 -30.73
C PRO A 7 5.53 -0.16 -29.49
N SER A 8 6.30 0.82 -29.06
CA SER A 8 5.95 1.65 -27.91
C SER A 8 6.39 3.08 -28.18
N ARG A 9 5.60 4.01 -27.67
CA ARG A 9 5.90 5.43 -27.67
C ARG A 9 5.82 5.90 -26.22
N ALA A 10 6.62 6.90 -25.83
CA ALA A 10 6.43 7.56 -24.54
C ALA A 10 5.02 8.13 -24.43
N ARG A 11 4.42 8.03 -23.24
CA ARG A 11 3.13 8.63 -22.94
C ARG A 11 3.23 10.15 -22.87
N VAL A 12 4.41 10.68 -22.51
CA VAL A 12 4.59 12.12 -22.39
C VAL A 12 5.86 12.51 -23.11
N TYR A 13 5.88 13.77 -23.54
CA TYR A 13 7.04 14.39 -24.15
C TYR A 13 7.47 13.57 -25.35
N THR A 14 6.49 13.00 -26.04
CA THR A 14 6.74 12.03 -27.09
C THR A 14 7.51 12.66 -28.25
N ASP A 15 7.09 13.87 -28.67
CA ASP A 15 7.44 14.44 -29.97
C ASP A 15 8.27 15.69 -29.82
N VAL A 16 8.85 15.86 -28.64
CA VAL A 16 9.44 17.10 -28.20
C VAL A 16 10.69 17.42 -29.03
N ASN A 17 11.45 16.39 -29.40
CA ASN A 17 12.68 16.60 -30.18
C ASN A 17 12.35 16.86 -31.64
N THR A 18 11.19 16.33 -32.08
CA THR A 18 10.76 16.50 -33.46
C THR A 18 10.43 17.98 -33.72
N HIS A 19 9.93 18.67 -32.69
CA HIS A 19 9.45 20.04 -32.81
C HIS A 19 10.63 21.00 -32.67
N ARG A 20 11.82 20.47 -32.44
CA ARG A 20 13.01 21.28 -32.22
C ARG A 20 13.78 21.43 -33.52
N PRO A 21 14.64 22.46 -33.64
CA PRO A 21 15.60 22.49 -34.75
C PRO A 21 16.44 21.22 -34.66
N ARG A 22 16.82 20.70 -35.82
CA ARG A 22 17.68 19.53 -35.95
C ARG A 22 18.92 19.66 -35.05
N GLU A 23 19.52 20.86 -34.99
CA GLU A 23 20.79 21.05 -34.31
C GLU A 23 20.68 20.65 -32.84
N TYR A 24 19.47 20.65 -32.28
CA TYR A 24 19.28 20.40 -30.85
C TYR A 24 19.64 18.96 -30.49
N TRP A 25 19.26 18.00 -31.34
CA TRP A 25 19.40 16.58 -31.06
C TRP A 25 20.40 15.90 -32.01
N ASP A 26 20.78 16.56 -33.12
CA ASP A 26 21.64 15.94 -34.12
C ASP A 26 23.09 16.20 -33.74
N TYR A 27 23.53 15.55 -32.66
CA TYR A 27 24.75 15.93 -31.95
C TYR A 27 26.03 15.57 -32.71
N GLU A 28 25.96 14.64 -33.68
CA GLU A 28 27.11 14.33 -34.51
C GLU A 28 27.56 15.54 -35.33
N SER A 29 26.66 16.50 -35.59
CA SER A 29 27.00 17.71 -36.35
C SER A 29 27.44 18.86 -35.45
N HIS A 30 27.52 18.61 -34.12
CA HIS A 30 27.96 19.63 -33.18
C HIS A 30 29.49 19.80 -33.29
N VAL A 31 29.94 21.05 -33.49
CA VAL A 31 31.35 21.38 -33.38
C VAL A 31 31.59 21.87 -31.96
N VAL A 32 32.66 21.33 -31.36
CA VAL A 32 32.99 21.59 -29.95
C VAL A 32 33.81 22.89 -29.82
N GLU A 33 33.32 23.76 -28.90
CA GLU A 33 33.94 25.02 -28.52
C GLU A 33 34.93 24.82 -27.37
N TRP A 34 36.23 24.74 -27.71
CA TRP A 34 37.32 24.48 -26.76
C TRP A 34 37.81 25.78 -26.09
N GLY A 35 37.72 25.79 -24.75
CA GLY A 35 38.47 26.73 -23.93
C GLY A 35 39.96 26.44 -23.83
N ASN A 36 40.59 27.24 -22.96
CA ASN A 36 42.03 27.28 -22.71
C ASN A 36 42.40 26.40 -21.51
N GLN A 37 43.11 25.30 -21.80
CA GLN A 37 43.54 24.33 -20.80
C GLN A 37 44.44 24.94 -19.72
N ASP A 38 45.13 26.05 -20.01
CA ASP A 38 46.02 26.71 -19.07
C ASP A 38 45.27 27.55 -18.04
N ASP A 39 43.95 27.65 -18.17
CA ASP A 39 43.15 28.37 -17.18
C ASP A 39 42.94 27.53 -15.92
N TYR A 40 43.31 26.24 -15.96
CA TYR A 40 42.97 25.29 -14.90
C TYR A 40 44.22 24.57 -14.41
N GLN A 41 44.44 24.63 -13.10
CA GLN A 41 45.48 23.83 -12.47
C GLN A 41 44.82 22.80 -11.57
N LEU A 42 45.23 21.53 -11.73
CA LEU A 42 44.67 20.44 -10.93
C LEU A 42 45.24 20.55 -9.52
N VAL A 43 44.33 20.48 -8.54
CA VAL A 43 44.73 20.44 -7.13
C VAL A 43 44.93 18.99 -6.69
N ARG A 44 43.91 18.15 -6.87
CA ARG A 44 43.95 16.77 -6.36
C ARG A 44 42.95 15.87 -7.07
N LYS A 45 43.23 14.55 -7.15
CA LYS A 45 42.27 13.61 -7.71
C LYS A 45 41.13 13.38 -6.73
N LEU A 46 39.87 13.30 -7.24
CA LEU A 46 38.72 13.11 -6.36
C LEU A 46 38.14 11.71 -6.54
N GLY A 47 38.32 11.12 -7.71
CA GLY A 47 37.72 9.82 -8.00
C GLY A 47 38.12 9.23 -9.34
N ARG A 48 37.94 7.90 -9.53
CA ARG A 48 38.18 7.25 -10.81
C ARG A 48 36.86 6.61 -11.24
N GLY A 49 36.72 6.39 -12.54
CA GLY A 49 35.51 5.83 -13.15
C GLY A 49 35.85 4.80 -14.23
N LYS A 50 34.83 4.35 -14.97
CA LYS A 50 35.03 3.38 -16.03
C LYS A 50 35.74 4.06 -17.20
N TYR A 51 35.36 5.33 -17.44
CA TYR A 51 35.79 6.06 -18.63
C TYR A 51 36.36 7.44 -18.27
N SER A 52 36.80 7.67 -17.02
CA SER A 52 37.15 9.03 -16.60
C SER A 52 37.84 9.06 -15.24
N GLU A 53 38.61 10.12 -15.03
CA GLU A 53 39.17 10.48 -13.74
C GLU A 53 38.75 11.90 -13.44
N VAL A 54 38.37 12.15 -12.18
CA VAL A 54 37.89 13.44 -11.78
C VAL A 54 38.86 14.08 -10.79
N PHE A 55 39.08 15.40 -10.94
CA PHE A 55 40.00 16.17 -10.11
C PHE A 55 39.34 17.47 -9.69
N GLU A 56 39.66 17.93 -8.48
CA GLU A 56 39.46 19.31 -8.12
C GLU A 56 40.52 20.13 -8.83
N ALA A 57 40.12 21.32 -9.33
CA ALA A 57 41.09 22.21 -9.97
C ALA A 57 40.75 23.66 -9.60
N ILE A 58 41.68 24.55 -9.91
CA ILE A 58 41.52 25.97 -9.75
C ILE A 58 41.54 26.61 -11.14
N ASN A 59 40.52 27.43 -11.40
CA ASN A 59 40.54 28.34 -12.52
C ASN A 59 41.41 29.52 -12.10
N ILE A 60 42.57 29.72 -12.73
CA ILE A 60 43.52 30.69 -12.20
C ILE A 60 43.14 32.12 -12.56
N THR A 61 42.14 32.34 -13.44
CA THR A 61 41.76 33.67 -13.89
C THR A 61 40.81 34.33 -12.89
N ASN A 62 39.98 33.53 -12.22
CA ASN A 62 39.04 34.07 -11.25
C ASN A 62 39.22 33.44 -9.87
N ASN A 63 40.03 32.37 -9.78
CA ASN A 63 40.32 31.69 -8.51
C ASN A 63 39.07 30.91 -8.01
N GLU A 64 38.20 30.51 -8.94
CA GLU A 64 37.05 29.67 -8.61
C GLU A 64 37.47 28.20 -8.59
N LYS A 65 36.97 27.47 -7.58
CA LYS A 65 37.12 26.03 -7.51
C LYS A 65 36.21 25.38 -8.56
N VAL A 66 36.64 24.23 -9.09
CA VAL A 66 36.04 23.68 -10.28
C VAL A 66 36.30 22.17 -10.23
N VAL A 67 35.59 21.38 -11.04
CA VAL A 67 35.86 19.96 -11.12
C VAL A 67 36.17 19.62 -12.57
N VAL A 68 37.23 18.83 -12.80
CA VAL A 68 37.66 18.43 -14.13
C VAL A 68 37.52 16.92 -14.31
N LYS A 69 36.72 16.52 -15.31
CA LYS A 69 36.55 15.14 -15.68
C LYS A 69 37.35 14.87 -16.96
N ILE A 70 38.46 14.14 -16.79
CA ILE A 70 39.33 13.83 -17.90
C ILE A 70 38.85 12.51 -18.48
N LEU A 71 38.55 12.53 -19.78
CA LEU A 71 37.97 11.35 -20.38
C LEU A 71 39.11 10.40 -20.77
N LYS A 72 38.95 9.14 -20.39
CA LYS A 72 39.59 8.02 -21.09
C LYS A 72 39.08 7.99 -22.54
N PRO A 73 39.83 7.42 -23.51
CA PRO A 73 39.39 7.44 -24.91
C PRO A 73 38.00 6.85 -25.15
N VAL A 74 37.14 7.63 -25.81
CA VAL A 74 35.81 7.16 -26.21
C VAL A 74 35.48 7.78 -27.58
N LYS A 75 34.60 7.11 -28.33
CA LYS A 75 34.21 7.58 -29.66
C LYS A 75 33.77 9.04 -29.58
N LYS A 76 34.28 9.88 -30.49
CA LYS A 76 33.99 11.32 -30.47
C LYS A 76 32.48 11.56 -30.52
N LYS A 77 31.70 10.69 -31.17
CA LYS A 77 30.24 10.78 -31.25
C LYS A 77 29.67 10.84 -29.83
N LYS A 78 30.14 9.93 -28.95
CA LYS A 78 29.63 9.81 -27.59
C LYS A 78 30.05 11.03 -26.74
N ILE A 79 31.20 11.65 -27.04
CA ILE A 79 31.62 12.86 -26.34
C ILE A 79 30.73 14.02 -26.74
N LYS A 80 30.39 14.13 -28.03
CA LYS A 80 29.56 15.22 -28.54
C LYS A 80 28.15 15.09 -27.97
N ARG A 81 27.69 13.86 -27.75
CA ARG A 81 26.37 13.61 -27.16
C ARG A 81 26.32 14.19 -25.73
N GLU A 82 27.28 13.76 -24.89
CA GLU A 82 27.30 14.21 -23.50
C GLU A 82 27.35 15.74 -23.47
N ILE A 83 28.24 16.30 -24.28
CA ILE A 83 28.40 17.75 -24.29
C ILE A 83 27.10 18.43 -24.74
N LYS A 84 26.49 17.93 -25.81
CA LYS A 84 25.30 18.55 -26.34
C LYS A 84 24.18 18.52 -25.30
N ILE A 85 24.06 17.37 -24.66
CA ILE A 85 23.00 17.15 -23.68
C ILE A 85 23.21 18.13 -22.53
N LEU A 86 24.47 18.33 -22.12
CA LEU A 86 24.79 19.17 -20.99
C LEU A 86 24.52 20.64 -21.33
N GLU A 87 24.78 21.01 -22.57
CA GLU A 87 24.53 22.38 -23.00
C GLU A 87 23.02 22.61 -23.08
N ASN A 88 22.28 21.66 -23.64
CA ASN A 88 20.83 21.78 -23.72
C ASN A 88 20.22 21.95 -22.33
N LEU A 89 20.73 21.22 -21.32
CA LEU A 89 20.13 21.18 -19.98
C LEU A 89 20.67 22.28 -19.06
N ARG A 90 21.66 23.08 -19.51
CA ARG A 90 22.28 24.07 -18.65
C ARG A 90 21.20 25.04 -18.13
N GLY A 91 21.27 25.31 -16.82
CA GLY A 91 20.33 26.20 -16.15
C GLY A 91 19.11 25.46 -15.64
N GLY A 92 18.94 24.19 -16.01
CA GLY A 92 17.79 23.43 -15.57
C GLY A 92 17.92 23.06 -14.10
N PRO A 93 16.79 22.81 -13.40
CA PRO A 93 16.83 22.53 -11.96
C PRO A 93 17.61 21.28 -11.61
N ASN A 94 18.60 21.46 -10.73
CA ASN A 94 19.38 20.40 -10.10
C ASN A 94 20.19 19.62 -11.15
N ILE A 95 20.47 20.23 -12.32
CA ILE A 95 21.36 19.65 -13.32
C ILE A 95 22.76 20.21 -13.14
N ILE A 96 23.79 19.37 -13.13
CA ILE A 96 25.15 19.89 -12.97
C ILE A 96 25.47 20.84 -14.13
N THR A 97 26.15 21.96 -13.85
CA THR A 97 26.55 22.91 -14.86
C THR A 97 27.90 22.54 -15.47
N LEU A 98 27.94 22.41 -16.80
CA LEU A 98 29.19 22.31 -17.54
C LEU A 98 29.70 23.73 -17.74
N ALA A 99 30.90 24.02 -17.25
CA ALA A 99 31.43 25.37 -17.31
C ALA A 99 32.34 25.54 -18.53
N ASP A 100 33.01 24.47 -18.97
CA ASP A 100 34.01 24.60 -20.02
C ASP A 100 34.43 23.22 -20.51
N ILE A 101 35.22 23.19 -21.59
CA ILE A 101 35.68 22.00 -22.26
C ILE A 101 37.09 22.28 -22.74
N VAL A 102 38.07 21.46 -22.35
CA VAL A 102 39.45 21.69 -22.78
C VAL A 102 40.06 20.39 -23.26
N LYS A 103 41.26 20.48 -23.82
CA LYS A 103 42.01 19.34 -24.30
C LYS A 103 43.43 19.51 -23.78
N ASP A 104 44.07 18.45 -23.27
CA ASP A 104 45.51 18.56 -23.10
C ASP A 104 46.15 18.76 -24.49
N PRO A 105 46.93 19.84 -24.76
CA PRO A 105 47.50 20.03 -26.08
C PRO A 105 48.46 18.93 -26.56
N VAL A 106 48.97 18.10 -25.62
CA VAL A 106 49.95 17.06 -25.95
C VAL A 106 49.26 15.69 -26.05
N SER A 107 48.50 15.31 -25.01
CA SER A 107 47.87 13.99 -24.92
C SER A 107 46.51 13.99 -25.61
N ARG A 108 46.07 15.15 -26.12
CA ARG A 108 44.91 15.25 -26.98
C ARG A 108 43.69 14.64 -26.30
N THR A 109 43.82 14.31 -25.00
CA THR A 109 42.70 13.75 -24.21
C THR A 109 41.75 14.90 -23.80
N PRO A 110 40.44 14.81 -24.13
CA PRO A 110 39.46 15.83 -23.75
C PRO A 110 39.07 15.78 -22.26
N ALA A 111 38.66 16.94 -21.74
CA ALA A 111 38.37 17.09 -20.32
C ALA A 111 37.18 18.04 -20.17
N LEU A 112 36.17 17.65 -19.36
CA LEU A 112 35.00 18.47 -19.17
C LEU A 112 35.16 19.18 -17.82
N VAL A 113 34.83 20.49 -17.78
CA VAL A 113 35.00 21.28 -16.58
C VAL A 113 33.63 21.67 -16.03
N PHE A 114 33.40 21.37 -14.74
CA PHE A 114 32.09 21.44 -14.11
C PHE A 114 32.13 22.36 -12.90
N GLU A 115 30.94 22.87 -12.51
CA GLU A 115 30.77 23.52 -11.23
C GLU A 115 31.20 22.56 -10.13
N HIS A 116 31.72 23.11 -9.02
CA HIS A 116 32.06 22.34 -7.83
C HIS A 116 30.84 22.26 -6.91
N VAL A 117 30.56 21.06 -6.40
CA VAL A 117 29.60 20.87 -5.32
C VAL A 117 30.35 20.30 -4.13
N ASN A 118 30.09 20.83 -2.94
CA ASN A 118 30.71 20.33 -1.72
C ASN A 118 29.99 19.07 -1.22
N ASN A 119 30.21 17.96 -1.94
CA ASN A 119 29.44 16.74 -1.78
C ASN A 119 29.77 16.07 -0.46
N THR A 120 28.71 15.60 0.23
CA THR A 120 28.83 15.04 1.55
C THR A 120 28.96 13.53 1.41
N ASP A 121 29.71 12.93 2.36
CA ASP A 121 30.03 11.51 2.35
C ASP A 121 28.74 10.71 2.19
N PHE A 122 28.65 9.97 1.07
CA PHE A 122 27.47 9.22 0.64
C PHE A 122 27.14 8.10 1.64
N LYS A 123 28.19 7.47 2.17
CA LYS A 123 28.04 6.46 3.20
C LYS A 123 27.51 7.12 4.46
N GLN A 124 28.21 8.19 4.89
CA GLN A 124 27.81 8.94 6.08
C GLN A 124 26.41 9.53 5.89
N LEU A 125 26.06 9.99 4.68
CA LEU A 125 24.82 10.72 4.50
C LEU A 125 23.64 9.75 4.52
N TYR A 126 23.74 8.59 3.86
CA TYR A 126 22.60 7.72 3.65
C TYR A 126 22.32 6.88 4.90
N GLN A 127 22.97 7.17 6.04
CA GLN A 127 22.61 6.58 7.33
C GLN A 127 21.90 7.61 8.20
N THR A 128 22.11 8.90 7.91
CA THR A 128 21.68 9.96 8.81
C THR A 128 20.35 10.56 8.38
N LEU A 129 19.73 10.01 7.32
CA LEU A 129 18.66 10.69 6.60
C LEU A 129 17.32 10.39 7.28
N THR A 130 16.59 11.46 7.61
CA THR A 130 15.25 11.37 8.16
C THR A 130 14.25 11.06 7.04
N ASP A 131 13.06 10.62 7.45
CA ASP A 131 11.93 10.44 6.54
C ASP A 131 11.75 11.68 5.68
N TYR A 132 11.76 12.85 6.31
CA TYR A 132 11.57 14.12 5.61
C TYR A 132 12.69 14.37 4.58
N ASP A 133 13.93 14.00 4.92
CA ASP A 133 15.07 14.27 4.05
C ASP A 133 14.91 13.47 2.74
N ILE A 134 14.58 12.19 2.88
CA ILE A 134 14.38 11.32 1.73
C ILE A 134 13.32 11.93 0.81
N ARG A 135 12.21 12.38 1.39
CA ARG A 135 11.15 12.98 0.60
C ARG A 135 11.65 14.24 -0.11
N PHE A 136 12.40 15.07 0.61
CA PHE A 136 12.89 16.34 0.08
C PHE A 136 13.85 16.10 -1.09
N TYR A 137 14.82 15.22 -0.91
CA TYR A 137 15.82 14.94 -1.94
C TYR A 137 15.21 14.17 -3.09
N MET A 138 14.22 13.32 -2.83
CA MET A 138 13.53 12.62 -3.92
C MET A 138 12.79 13.61 -4.80
N TYR A 139 12.17 14.62 -4.17
CA TYR A 139 11.50 15.68 -4.89
C TYR A 139 12.50 16.45 -5.75
N GLU A 140 13.68 16.74 -5.17
CA GLU A 140 14.72 17.45 -5.88
C GLU A 140 15.18 16.66 -7.11
N ILE A 141 15.31 15.33 -6.98
CA ILE A 141 15.73 14.53 -8.13
C ILE A 141 14.67 14.57 -9.24
N LEU A 142 13.38 14.48 -8.85
CA LEU A 142 12.27 14.47 -9.78
C LEU A 142 12.19 15.78 -10.58
N LYS A 143 12.54 16.91 -9.95
CA LYS A 143 12.65 18.17 -10.67
C LYS A 143 13.61 18.04 -11.85
N ALA A 144 14.77 17.43 -11.61
CA ALA A 144 15.78 17.25 -12.63
C ALA A 144 15.25 16.31 -13.72
N LEU A 145 14.58 15.23 -13.32
CA LEU A 145 14.14 14.23 -14.28
C LEU A 145 12.98 14.73 -15.15
N ASP A 146 12.05 15.48 -14.54
CA ASP A 146 10.96 16.06 -15.30
C ASP A 146 11.52 17.08 -16.30
N TYR A 147 12.50 17.87 -15.85
CA TYR A 147 13.13 18.83 -16.73
C TYR A 147 13.80 18.14 -17.93
N CYS A 148 14.69 17.16 -17.68
CA CYS A 148 15.43 16.57 -18.78
C CYS A 148 14.50 15.77 -19.68
N HIS A 149 13.50 15.12 -19.11
CA HIS A 149 12.54 14.39 -19.93
C HIS A 149 11.78 15.39 -20.82
N SER A 150 11.39 16.54 -20.25
CA SER A 150 10.63 17.55 -20.99
C SER A 150 11.49 18.19 -22.08
N MET A 151 12.82 18.10 -21.93
CA MET A 151 13.78 18.60 -22.90
C MET A 151 14.26 17.47 -23.83
N GLY A 152 13.54 16.35 -23.81
CA GLY A 152 13.77 15.30 -24.80
C GLY A 152 14.90 14.33 -24.46
N ILE A 153 15.34 14.30 -23.19
CA ILE A 153 16.53 13.58 -22.79
C ILE A 153 16.19 12.54 -21.72
N MET A 154 16.67 11.30 -21.95
CA MET A 154 16.71 10.23 -20.96
C MET A 154 18.10 10.18 -20.33
N HIS A 155 18.20 10.09 -19.00
CA HIS A 155 19.51 10.04 -18.34
C HIS A 155 20.15 8.65 -18.47
N ARG A 156 19.38 7.63 -18.10
CA ARG A 156 19.72 6.22 -18.32
C ARG A 156 20.81 5.72 -17.37
N ASP A 157 21.18 6.50 -16.32
CA ASP A 157 22.14 6.03 -15.32
C ASP A 157 21.82 6.64 -13.94
N VAL A 158 20.53 6.67 -13.59
CA VAL A 158 20.12 7.21 -12.31
C VAL A 158 20.42 6.17 -11.26
N LYS A 159 21.20 6.59 -10.28
CA LYS A 159 21.63 5.78 -9.16
C LYS A 159 22.31 6.71 -8.16
N PRO A 160 22.49 6.28 -6.90
CA PRO A 160 23.01 7.18 -5.87
C PRO A 160 24.36 7.81 -6.17
N HIS A 161 25.27 7.08 -6.81
CA HIS A 161 26.59 7.65 -7.14
C HIS A 161 26.47 8.85 -8.09
N ASN A 162 25.34 8.99 -8.80
CA ASN A 162 25.16 10.07 -9.79
C ASN A 162 24.28 11.19 -9.21
N VAL A 163 24.11 11.20 -7.90
CA VAL A 163 23.42 12.30 -7.23
C VAL A 163 24.35 12.93 -6.21
N MET A 164 24.71 14.20 -6.39
CA MET A 164 25.60 14.89 -5.49
C MET A 164 24.74 15.73 -4.57
N ILE A 165 24.95 15.57 -3.26
CA ILE A 165 24.19 16.33 -2.28
C ILE A 165 25.16 17.08 -1.36
N ASP A 166 25.04 18.41 -1.36
CA ASP A 166 25.62 19.26 -0.34
C ASP A 166 24.58 19.43 0.78
N HIS A 167 24.64 18.57 1.80
CA HIS A 167 23.63 18.51 2.84
C HIS A 167 23.57 19.84 3.59
N GLU A 168 24.73 20.45 3.85
CA GLU A 168 24.80 21.75 4.51
C GLU A 168 23.86 22.76 3.86
N HIS A 169 23.85 22.85 2.52
CA HIS A 169 23.08 23.89 1.83
C HIS A 169 21.81 23.31 1.20
N ARG A 170 21.50 22.04 1.48
CA ARG A 170 20.29 21.36 1.04
C ARG A 170 20.21 21.43 -0.50
N LYS A 171 21.35 21.11 -1.13
CA LYS A 171 21.55 21.35 -2.54
C LYS A 171 21.87 20.01 -3.21
N LEU A 172 21.19 19.74 -4.32
CA LEU A 172 21.33 18.47 -5.04
C LEU A 172 21.64 18.73 -6.51
N ARG A 173 22.53 17.92 -7.08
CA ARG A 173 22.84 17.98 -8.50
C ARG A 173 22.89 16.57 -9.09
N LEU A 174 22.18 16.38 -10.20
CA LEU A 174 22.23 15.13 -10.97
C LEU A 174 23.40 15.22 -11.94
N ILE A 175 24.34 14.26 -11.80
CA ILE A 175 25.59 14.31 -12.55
C ILE A 175 25.66 13.11 -13.50
N ASP A 176 26.81 13.03 -14.18
CA ASP A 176 27.18 11.97 -15.11
C ASP A 176 26.15 11.74 -16.21
N TRP A 177 26.20 12.60 -17.24
CA TRP A 177 25.28 12.54 -18.38
C TRP A 177 25.89 11.76 -19.54
N GLY A 178 26.86 10.88 -19.24
CA GLY A 178 27.63 10.21 -20.27
C GLY A 178 26.89 9.06 -20.94
N LEU A 179 25.83 8.53 -20.32
CA LEU A 179 24.98 7.54 -20.96
C LEU A 179 23.67 8.15 -21.47
N ALA A 180 23.47 9.46 -21.25
CA ALA A 180 22.20 10.08 -21.58
C ALA A 180 22.00 10.04 -23.10
N GLU A 181 20.74 10.07 -23.52
CA GLU A 181 20.41 9.97 -24.94
C GLU A 181 19.12 10.76 -25.20
N PHE A 182 18.95 11.22 -26.46
CA PHE A 182 17.75 11.92 -26.92
C PHE A 182 16.64 10.92 -27.23
N TYR A 183 15.42 11.21 -26.75
CA TYR A 183 14.32 10.32 -27.02
C TYR A 183 13.70 10.68 -28.37
N HIS A 184 13.61 9.69 -29.25
CA HIS A 184 12.94 9.83 -30.52
C HIS A 184 11.98 8.66 -30.68
N PRO A 185 10.68 8.90 -30.99
CA PRO A 185 9.69 7.85 -31.05
C PRO A 185 9.98 6.88 -32.19
N GLY A 186 9.95 5.59 -31.89
CA GLY A 186 10.32 4.58 -32.85
C GLY A 186 11.72 4.02 -32.62
N GLN A 187 12.63 4.82 -32.04
CA GLN A 187 14.03 4.46 -31.98
C GLN A 187 14.26 3.28 -31.02
N GLU A 188 15.13 2.37 -31.45
CA GLU A 188 15.55 1.22 -30.69
C GLU A 188 16.92 1.52 -30.11
N TYR A 189 17.03 1.39 -28.79
CA TYR A 189 18.20 1.85 -28.07
C TYR A 189 19.00 0.63 -27.61
N ASN A 190 20.27 0.88 -27.30
CA ASN A 190 21.14 -0.10 -26.66
C ASN A 190 20.63 -0.37 -25.24
N VAL A 191 20.48 -1.67 -24.93
CA VAL A 191 20.00 -2.09 -23.62
C VAL A 191 21.17 -2.29 -22.64
N ARG A 192 22.41 -2.30 -23.13
CA ARG A 192 23.57 -2.43 -22.26
C ARG A 192 23.90 -1.04 -21.67
N VAL A 193 22.98 -0.54 -20.85
CA VAL A 193 23.19 0.70 -20.14
C VAL A 193 22.77 0.49 -18.69
N ALA A 194 23.23 1.41 -17.83
CA ALA A 194 22.85 1.51 -16.41
C ALA A 194 23.55 0.42 -15.60
N SER A 195 23.74 0.69 -14.29
CA SER A 195 24.27 -0.29 -13.36
C SER A 195 23.28 -1.44 -13.16
N ARG A 196 23.81 -2.65 -12.95
CA ARG A 196 23.01 -3.86 -12.90
C ARG A 196 21.82 -3.73 -11.95
N TYR A 197 22.06 -3.18 -10.75
CA TYR A 197 21.04 -3.20 -9.71
C TYR A 197 19.90 -2.24 -10.03
N PHE A 198 20.13 -1.32 -10.99
CA PHE A 198 19.20 -0.28 -11.35
C PHE A 198 18.59 -0.50 -12.75
N LYS A 199 18.95 -1.59 -13.44
CA LYS A 199 18.41 -1.88 -14.75
C LYS A 199 16.92 -2.22 -14.67
N GLY A 200 16.15 -1.61 -15.59
CA GLY A 200 14.73 -1.88 -15.70
C GLY A 200 14.49 -3.18 -16.46
N PRO A 201 13.33 -3.82 -16.24
CA PRO A 201 12.95 -5.05 -16.95
C PRO A 201 13.11 -5.01 -18.47
N GLU A 202 12.81 -3.83 -19.05
CA GLU A 202 12.93 -3.63 -20.49
C GLU A 202 14.37 -3.89 -20.94
N LEU A 203 15.36 -3.48 -20.13
CA LEU A 203 16.76 -3.76 -20.47
C LEU A 203 17.02 -5.26 -20.33
N LEU A 204 16.49 -5.85 -19.26
CA LEU A 204 16.81 -7.23 -18.89
C LEU A 204 16.22 -8.25 -19.85
N VAL A 205 15.07 -7.92 -20.48
CA VAL A 205 14.41 -8.82 -21.43
C VAL A 205 14.70 -8.38 -22.87
N ASP A 206 15.60 -7.38 -23.02
CA ASP A 206 16.02 -6.90 -24.33
C ASP A 206 14.84 -6.34 -25.11
N TYR A 207 14.09 -5.41 -24.52
CA TYR A 207 13.14 -4.59 -25.26
C TYR A 207 13.77 -3.22 -25.49
N GLN A 208 13.98 -2.88 -26.77
CA GLN A 208 14.86 -1.79 -27.15
C GLN A 208 14.11 -0.48 -27.36
N MET A 209 12.78 -0.50 -27.45
CA MET A 209 12.02 0.67 -27.82
C MET A 209 11.48 1.31 -26.52
N TYR A 210 12.44 1.55 -25.61
CA TYR A 210 12.20 2.11 -24.29
C TYR A 210 12.22 3.63 -24.32
N ASP A 211 12.00 4.28 -23.18
CA ASP A 211 11.82 5.72 -23.12
C ASP A 211 12.17 6.26 -21.72
N TYR A 212 11.72 7.50 -21.47
CA TYR A 212 12.04 8.21 -20.23
C TYR A 212 11.69 7.37 -19.00
N SER A 213 10.68 6.52 -19.11
CA SER A 213 10.16 5.77 -17.97
C SER A 213 11.21 4.82 -17.39
N LEU A 214 12.24 4.51 -18.20
CA LEU A 214 13.39 3.79 -17.67
C LEU A 214 13.96 4.45 -16.43
N ASP A 215 14.03 5.79 -16.42
CA ASP A 215 14.61 6.56 -15.32
C ASP A 215 13.77 6.42 -14.05
N MET A 216 12.47 6.18 -14.25
CA MET A 216 11.52 6.16 -13.16
C MET A 216 11.63 4.82 -12.42
N TRP A 217 11.95 3.74 -13.17
CA TRP A 217 12.28 2.47 -12.54
C TRP A 217 13.49 2.66 -11.64
N SER A 218 14.56 3.23 -12.17
CA SER A 218 15.81 3.34 -11.41
C SER A 218 15.61 4.25 -10.21
N LEU A 219 14.75 5.26 -10.32
CA LEU A 219 14.44 6.08 -9.17
C LEU A 219 13.76 5.24 -8.07
N GLY A 220 12.95 4.28 -8.51
CA GLY A 220 12.23 3.38 -7.61
C GLY A 220 13.18 2.48 -6.83
N CYS A 221 14.17 1.94 -7.54
CA CYS A 221 15.25 1.18 -6.94
C CYS A 221 15.95 2.02 -5.87
N MET A 222 16.23 3.29 -6.16
CA MET A 222 16.87 4.16 -5.19
C MET A 222 15.97 4.30 -3.97
N LEU A 223 14.68 4.61 -4.20
CA LEU A 223 13.78 4.89 -3.10
C LEU A 223 13.70 3.69 -2.17
N ALA A 224 13.53 2.51 -2.78
CA ALA A 224 13.40 1.28 -2.04
C ALA A 224 14.61 1.10 -1.13
N SER A 225 15.83 1.27 -1.66
CA SER A 225 17.02 1.04 -0.85
C SER A 225 17.11 2.04 0.29
N MET A 226 16.63 3.27 0.08
CA MET A 226 16.71 4.30 1.11
C MET A 226 15.69 4.05 2.23
N ILE A 227 14.45 3.69 1.90
CA ILE A 227 13.42 3.58 2.93
C ILE A 227 13.56 2.25 3.68
N PHE A 228 14.00 1.20 3.01
CA PHE A 228 14.14 -0.12 3.59
C PHE A 228 15.56 -0.33 4.13
N ARG A 229 16.43 0.67 3.99
CA ARG A 229 17.84 0.55 4.36
C ARG A 229 18.38 -0.80 3.92
N LYS A 230 18.25 -1.09 2.61
CA LYS A 230 18.78 -2.27 1.95
C LYS A 230 19.41 -1.85 0.62
N GLU A 231 20.76 -1.77 0.59
CA GLU A 231 21.54 -1.30 -0.54
C GLU A 231 22.39 -2.43 -1.10
N PRO A 232 22.17 -2.94 -2.34
CA PRO A 232 21.05 -2.54 -3.21
C PRO A 232 19.79 -3.34 -2.90
N PHE A 233 18.64 -2.84 -3.37
CA PHE A 233 17.38 -3.50 -3.07
C PHE A 233 17.25 -4.81 -3.85
N PHE A 234 17.42 -4.77 -5.18
CA PHE A 234 17.46 -5.96 -6.00
C PHE A 234 18.92 -6.29 -6.28
N HIS A 235 19.41 -7.34 -5.62
CA HIS A 235 20.81 -7.71 -5.59
C HIS A 235 21.04 -8.93 -6.48
N GLY A 236 20.92 -8.78 -7.80
CA GLY A 236 21.22 -9.87 -8.71
C GLY A 236 22.72 -10.14 -8.84
N HIS A 237 23.07 -11.40 -9.19
CA HIS A 237 24.44 -11.86 -9.36
C HIS A 237 24.92 -11.59 -10.78
N ASP A 238 23.97 -11.40 -11.71
CA ASP A 238 24.23 -11.05 -13.10
C ASP A 238 22.92 -10.55 -13.70
N ASN A 239 22.89 -10.31 -15.03
CA ASN A 239 21.74 -9.67 -15.65
C ASN A 239 20.54 -10.61 -15.65
N TYR A 240 20.78 -11.92 -15.70
CA TYR A 240 19.71 -12.91 -15.69
C TYR A 240 19.12 -13.00 -14.29
N ASP A 241 19.98 -13.22 -13.29
CA ASP A 241 19.55 -13.31 -11.92
C ASP A 241 18.97 -11.98 -11.44
N GLN A 242 19.27 -10.88 -12.13
CA GLN A 242 18.73 -9.58 -11.74
C GLN A 242 17.23 -9.58 -11.98
N LEU A 243 16.77 -10.17 -13.10
CA LEU A 243 15.34 -10.21 -13.38
C LEU A 243 14.62 -11.12 -12.40
N VAL A 244 15.30 -12.22 -12.04
CA VAL A 244 14.77 -13.18 -11.07
C VAL A 244 14.61 -12.52 -9.71
N ARG A 245 15.61 -11.72 -9.31
CA ARG A 245 15.54 -11.02 -8.03
C ARG A 245 14.34 -10.08 -8.04
N ILE A 246 14.00 -9.51 -9.20
CA ILE A 246 12.85 -8.63 -9.35
C ILE A 246 11.56 -9.47 -9.32
N ALA A 247 11.53 -10.57 -10.08
CA ALA A 247 10.40 -11.48 -10.14
C ALA A 247 10.05 -12.05 -8.75
N LYS A 248 11.04 -12.30 -7.90
CA LYS A 248 10.78 -12.83 -6.57
C LYS A 248 10.08 -11.77 -5.71
N VAL A 249 9.92 -10.54 -6.21
CA VAL A 249 9.28 -9.47 -5.46
C VAL A 249 7.99 -9.00 -6.15
N LEU A 250 8.07 -8.66 -7.44
CA LEU A 250 6.89 -8.22 -8.19
C LEU A 250 6.07 -9.39 -8.70
N GLY A 251 6.57 -10.61 -8.50
CA GLY A 251 5.89 -11.83 -8.92
C GLY A 251 6.01 -12.06 -10.42
N THR A 252 5.82 -13.31 -10.85
CA THR A 252 6.00 -13.67 -12.24
C THR A 252 4.74 -13.46 -13.09
N GLU A 253 3.55 -13.35 -12.46
CA GLU A 253 2.33 -13.25 -13.24
C GLU A 253 2.36 -11.98 -14.10
N ASP A 254 2.71 -10.82 -13.50
CA ASP A 254 2.76 -9.54 -14.22
C ASP A 254 3.92 -9.52 -15.22
N LEU A 255 5.00 -10.27 -14.90
CA LEU A 255 6.14 -10.38 -15.80
C LEU A 255 5.70 -11.00 -17.12
N TYR A 256 4.98 -12.13 -17.06
CA TYR A 256 4.60 -12.84 -18.28
C TYR A 256 3.48 -12.11 -19.02
N ASP A 257 2.62 -11.37 -18.30
CA ASP A 257 1.63 -10.50 -18.94
C ASP A 257 2.34 -9.40 -19.73
N TYR A 258 3.39 -8.82 -19.12
CA TYR A 258 4.23 -7.81 -19.76
C TYR A 258 4.83 -8.33 -21.05
N ILE A 259 5.45 -9.52 -21.02
CA ILE A 259 6.18 -10.00 -22.19
C ILE A 259 5.16 -10.39 -23.27
N ASP A 260 3.97 -10.85 -22.82
CA ASP A 260 2.86 -11.14 -23.72
C ASP A 260 2.35 -9.87 -24.40
N LYS A 261 2.12 -8.80 -23.63
CA LYS A 261 1.58 -7.57 -24.18
C LYS A 261 2.48 -7.04 -25.29
N TYR A 262 3.79 -7.15 -25.12
CA TYR A 262 4.75 -6.57 -26.07
C TYR A 262 5.35 -7.63 -27.01
N ASN A 263 4.89 -8.88 -26.89
CA ASN A 263 5.37 -9.98 -27.73
C ASN A 263 6.89 -10.02 -27.70
N ILE A 264 7.47 -10.22 -26.50
CA ILE A 264 8.92 -10.22 -26.35
C ILE A 264 9.45 -11.65 -26.43
N GLU A 265 10.37 -11.93 -27.37
CA GLU A 265 11.06 -13.22 -27.43
C GLU A 265 11.97 -13.31 -26.21
N LEU A 266 11.56 -14.09 -25.20
CA LEU A 266 12.31 -14.19 -23.97
C LEU A 266 13.48 -15.13 -24.19
N ASP A 267 14.69 -14.73 -23.79
CA ASP A 267 15.87 -15.60 -23.84
C ASP A 267 15.51 -16.97 -23.24
N PRO A 268 15.86 -18.10 -23.89
CA PRO A 268 15.57 -19.43 -23.34
C PRO A 268 16.27 -19.74 -22.01
N ARG A 269 17.43 -19.10 -21.77
CA ARG A 269 18.17 -19.25 -20.52
C ARG A 269 17.24 -18.97 -19.34
N PHE A 270 16.38 -17.96 -19.49
CA PHE A 270 15.43 -17.55 -18.46
C PHE A 270 14.44 -18.65 -18.08
N ASN A 271 14.05 -19.51 -19.03
CA ASN A 271 13.11 -20.57 -18.73
C ASN A 271 13.49 -21.29 -17.45
N ASP A 272 14.78 -21.63 -17.27
CA ASP A 272 15.22 -22.39 -16.11
C ASP A 272 15.04 -21.62 -14.80
N ILE A 273 15.51 -20.37 -14.76
CA ILE A 273 15.80 -19.71 -13.49
C ILE A 273 14.60 -18.91 -12.99
N LEU A 274 13.69 -18.55 -13.89
CA LEU A 274 12.66 -17.56 -13.57
C LEU A 274 11.62 -18.22 -12.68
N GLY A 275 10.99 -19.28 -13.18
CA GLY A 275 10.09 -20.08 -12.38
C GLY A 275 8.70 -19.46 -12.26
N ARG A 276 8.13 -19.60 -11.04
CA ARG A 276 6.84 -19.05 -10.68
C ARG A 276 6.96 -18.51 -9.27
N HIS A 277 6.64 -17.22 -9.11
CA HIS A 277 6.79 -16.51 -7.86
C HIS A 277 5.58 -15.61 -7.68
N SER A 278 5.18 -15.42 -6.42
CA SER A 278 4.05 -14.58 -6.11
C SER A 278 4.53 -13.14 -6.00
N ARG A 279 3.58 -12.20 -6.10
CA ARG A 279 3.89 -10.81 -5.87
C ARG A 279 3.86 -10.58 -4.36
N LYS A 280 4.98 -10.12 -3.78
CA LYS A 280 5.07 -9.94 -2.34
C LYS A 280 4.49 -8.59 -1.95
N ARG A 281 4.20 -8.48 -0.66
CA ARG A 281 3.75 -7.18 -0.11
C ARG A 281 5.01 -6.51 0.42
N TRP A 282 4.96 -5.20 0.65
CA TRP A 282 6.19 -4.47 1.03
C TRP A 282 6.53 -4.69 2.50
N GLU A 283 5.57 -5.16 3.29
CA GLU A 283 5.80 -5.37 4.74
C GLU A 283 6.96 -6.33 4.94
N ARG A 284 7.19 -7.24 3.99
CA ARG A 284 8.26 -8.25 4.10
C ARG A 284 9.64 -7.59 4.18
N PHE A 285 9.71 -6.27 4.06
CA PHE A 285 11.02 -5.57 4.05
C PHE A 285 10.99 -4.50 5.13
N VAL A 286 9.88 -4.42 5.86
CA VAL A 286 9.79 -3.44 6.99
C VAL A 286 10.25 -4.11 8.28
N HIS A 287 11.16 -3.48 9.02
CA HIS A 287 11.69 -3.95 10.29
C HIS A 287 11.76 -2.74 11.23
N SER A 288 12.20 -2.95 12.47
CA SER A 288 12.25 -1.89 13.47
C SER A 288 13.30 -0.84 13.12
N GLU A 289 14.39 -1.23 12.45
CA GLU A 289 15.47 -0.31 12.09
C GLU A 289 15.00 0.70 11.02
N ASN A 290 14.18 0.28 10.04
CA ASN A 290 13.80 1.15 8.93
C ASN A 290 12.39 1.73 9.06
N GLN A 291 11.65 1.32 10.10
CA GLN A 291 10.22 1.59 10.20
C GLN A 291 9.93 3.10 10.14
N HIS A 292 10.82 3.90 10.73
CA HIS A 292 10.61 5.34 10.85
C HIS A 292 10.67 6.02 9.47
N LEU A 293 11.19 5.32 8.45
CA LEU A 293 11.27 5.83 7.08
C LEU A 293 10.04 5.42 6.27
N VAL A 294 9.38 4.32 6.68
CA VAL A 294 8.29 3.72 5.91
C VAL A 294 6.95 4.27 6.39
N SER A 295 6.12 4.62 5.43
CA SER A 295 4.75 5.07 5.65
C SER A 295 3.88 4.52 4.52
N PRO A 296 2.54 4.46 4.69
CA PRO A 296 1.63 4.08 3.61
C PRO A 296 1.85 4.86 2.32
N GLU A 297 2.10 6.17 2.47
CA GLU A 297 2.37 7.05 1.35
C GLU A 297 3.61 6.56 0.60
N ALA A 298 4.69 6.25 1.33
CA ALA A 298 5.95 5.87 0.71
C ALA A 298 5.77 4.59 -0.13
N LEU A 299 4.95 3.68 0.39
CA LEU A 299 4.77 2.38 -0.24
C LEU A 299 3.86 2.49 -1.46
N ASP A 300 2.88 3.39 -1.34
CA ASP A 300 1.98 3.62 -2.44
C ASP A 300 2.79 4.19 -3.61
N PHE A 301 3.61 5.20 -3.30
CA PHE A 301 4.50 5.83 -4.27
C PHE A 301 5.41 4.79 -4.91
N LEU A 302 6.14 4.04 -4.08
CA LEU A 302 7.11 3.08 -4.57
C LEU A 302 6.46 2.05 -5.50
N ASP A 303 5.27 1.57 -5.13
CA ASP A 303 4.57 0.55 -5.91
C ASP A 303 4.30 1.05 -7.32
N LYS A 304 4.04 2.37 -7.45
CA LYS A 304 3.68 2.99 -8.73
C LYS A 304 4.90 3.37 -9.57
N LEU A 305 6.11 3.32 -9.00
CA LEU A 305 7.34 3.42 -9.79
C LEU A 305 7.75 2.05 -10.28
N LEU A 306 7.63 1.04 -9.41
CA LEU A 306 8.20 -0.25 -9.70
C LEU A 306 7.19 -1.16 -10.42
N ARG A 307 7.00 -0.91 -11.71
CA ARG A 307 6.15 -1.73 -12.56
C ARG A 307 6.94 -2.24 -13.75
N TYR A 308 6.70 -3.50 -14.15
CA TYR A 308 7.32 -4.09 -15.32
C TYR A 308 6.96 -3.28 -16.57
N ASP A 309 5.66 -3.06 -16.78
CA ASP A 309 5.16 -2.32 -17.93
C ASP A 309 5.56 -0.86 -17.75
N HIS A 310 6.46 -0.41 -18.63
CA HIS A 310 7.01 0.94 -18.56
C HIS A 310 5.92 1.99 -18.80
N GLN A 311 4.91 1.68 -19.64
CA GLN A 311 3.82 2.60 -19.89
C GLN A 311 2.99 2.84 -18.64
N SER A 312 3.06 1.95 -17.64
CA SER A 312 2.17 2.03 -16.49
C SER A 312 2.84 2.70 -15.28
N ARG A 313 4.13 3.09 -15.38
CA ARG A 313 4.85 3.73 -14.29
C ARG A 313 4.49 5.21 -14.21
N LEU A 314 4.59 5.80 -13.01
CA LEU A 314 4.38 7.23 -12.86
C LEU A 314 5.35 8.01 -13.74
N THR A 315 4.88 9.14 -14.28
CA THR A 315 5.78 10.13 -14.86
C THR A 315 6.38 10.96 -13.73
N ALA A 316 7.45 11.69 -14.04
CA ALA A 316 8.05 12.55 -13.05
C ALA A 316 7.03 13.56 -12.52
N ARG A 317 6.18 14.15 -13.38
CA ARG A 317 5.23 15.18 -12.95
C ARG A 317 4.16 14.55 -12.05
N GLU A 318 3.63 13.39 -12.46
CA GLU A 318 2.67 12.64 -11.65
C GLU A 318 3.27 12.26 -10.30
N ALA A 319 4.55 11.88 -10.30
CA ALA A 319 5.25 11.52 -9.07
C ALA A 319 5.33 12.72 -8.13
N MET A 320 5.56 13.90 -8.69
CA MET A 320 5.74 15.09 -7.89
C MET A 320 4.43 15.49 -7.24
N GLU A 321 3.30 15.01 -7.78
CA GLU A 321 1.96 15.34 -7.30
C GLU A 321 1.46 14.33 -6.26
N HIS A 322 2.25 13.31 -5.98
CA HIS A 322 1.86 12.25 -5.05
C HIS A 322 1.86 12.75 -3.61
N PRO A 323 0.93 12.25 -2.76
CA PRO A 323 0.86 12.62 -1.34
C PRO A 323 2.11 12.51 -0.49
N TYR A 324 3.02 11.60 -0.84
CA TYR A 324 4.32 11.50 -0.18
C TYR A 324 5.01 12.87 -0.10
N PHE A 325 4.72 13.78 -1.05
CA PHE A 325 5.47 15.03 -1.15
C PHE A 325 4.65 16.23 -0.66
N TYR A 326 3.43 16.03 -0.12
CA TYR A 326 2.60 17.15 0.31
C TYR A 326 3.33 18.02 1.34
N THR A 327 3.98 17.39 2.33
CA THR A 327 4.72 18.15 3.34
C THR A 327 5.78 19.02 2.65
N VAL A 328 6.48 18.46 1.64
CA VAL A 328 7.56 19.16 0.95
C VAL A 328 7.04 20.32 0.09
N VAL A 329 5.95 20.09 -0.66
CA VAL A 329 5.38 21.10 -1.53
C VAL A 329 4.84 22.27 -0.71
N LYS A 330 4.21 21.99 0.45
CA LYS A 330 3.68 23.03 1.34
C LYS A 330 4.84 23.87 1.87
N ASP A 331 5.94 23.23 2.30
CA ASP A 331 7.08 23.94 2.86
C ASP A 331 7.81 24.78 1.80
N GLN A 332 7.72 24.42 0.51
CA GLN A 332 8.43 25.18 -0.51
C GLN A 332 7.73 26.51 -0.80
N ALA A 333 6.40 26.59 -0.58
CA ALA A 333 5.67 27.83 -0.78
C ALA A 333 5.07 28.30 0.55
N SER B 3 -2.95 -35.70 9.53
CA SER B 3 -4.30 -36.32 9.65
C SER B 3 -5.38 -35.22 9.56
N GLY B 4 -5.75 -34.61 10.69
CA GLY B 4 -6.74 -33.54 10.72
C GLY B 4 -6.11 -32.17 10.47
N PRO B 5 -6.81 -31.06 10.80
CA PRO B 5 -6.27 -29.72 10.61
C PRO B 5 -5.40 -29.19 11.76
N VAL B 6 -4.54 -28.22 11.45
CA VAL B 6 -3.58 -27.73 12.43
C VAL B 6 -4.31 -26.82 13.43
N PRO B 7 -4.06 -26.98 14.75
CA PRO B 7 -4.63 -26.11 15.77
C PRO B 7 -4.21 -24.64 15.64
N SER B 8 -5.01 -23.77 16.22
CA SER B 8 -4.76 -22.33 16.25
C SER B 8 -5.21 -21.78 17.60
N ARG B 9 -4.52 -20.75 18.09
CA ARG B 9 -4.87 -20.01 19.29
C ARG B 9 -4.89 -18.53 18.92
N ALA B 10 -5.70 -17.72 19.59
CA ALA B 10 -5.67 -16.27 19.38
C ALA B 10 -4.31 -15.68 19.78
N ARG B 11 -3.80 -14.74 18.98
CA ARG B 11 -2.55 -14.04 19.29
C ARG B 11 -2.75 -13.17 20.54
N VAL B 12 -3.99 -12.73 20.80
CA VAL B 12 -4.25 -11.82 21.93
C VAL B 12 -5.49 -12.27 22.69
N TYR B 13 -5.54 -11.90 23.98
CA TYR B 13 -6.69 -12.16 24.82
C TYR B 13 -7.01 -13.65 24.82
N THR B 14 -5.94 -14.45 24.73
CA THR B 14 -6.06 -15.89 24.53
C THR B 14 -6.80 -16.56 25.70
N ASP B 15 -6.42 -16.21 26.93
CA ASP B 15 -6.76 -17.01 28.12
C ASP B 15 -7.64 -16.23 29.08
N VAL B 16 -8.24 -15.17 28.56
CA VAL B 16 -8.88 -14.13 29.33
C VAL B 16 -10.09 -14.69 30.07
N ASN B 17 -10.82 -15.63 29.45
CA ASN B 17 -12.00 -16.23 30.06
C ASN B 17 -11.61 -17.25 31.13
N THR B 18 -10.44 -17.89 30.94
CA THR B 18 -9.96 -18.88 31.88
C THR B 18 -9.66 -18.23 33.23
N HIS B 19 -9.20 -16.98 33.22
CA HIS B 19 -8.75 -16.26 34.39
C HIS B 19 -9.96 -15.63 35.09
N ARG B 20 -11.16 -15.80 34.51
CA ARG B 20 -12.36 -15.24 35.12
C ARG B 20 -13.03 -16.29 35.99
N PRO B 21 -13.90 -15.88 36.93
CA PRO B 21 -14.75 -16.85 37.62
C PRO B 21 -15.57 -17.59 36.54
N ARG B 22 -15.81 -18.88 36.79
CA ARG B 22 -16.59 -19.71 35.88
C ARG B 22 -17.93 -19.06 35.54
N GLU B 23 -18.60 -18.39 36.47
CA GLU B 23 -19.95 -17.87 36.21
C GLU B 23 -19.92 -16.88 35.04
N TYR B 24 -18.76 -16.29 34.75
CA TYR B 24 -18.66 -15.27 33.70
C TYR B 24 -18.97 -15.83 32.33
N TRP B 25 -18.46 -17.04 32.04
CA TRP B 25 -18.54 -17.66 30.72
C TRP B 25 -19.42 -18.92 30.72
N ASP B 26 -19.75 -19.47 31.90
CA ASP B 26 -20.56 -20.68 31.99
C ASP B 26 -22.04 -20.31 31.98
N TYR B 27 -22.53 -19.83 30.82
CA TYR B 27 -23.77 -19.08 30.73
C TYR B 27 -25.01 -19.94 30.91
N GLU B 28 -24.89 -21.26 30.69
CA GLU B 28 -26.03 -22.17 30.91
C GLU B 28 -26.46 -22.16 32.37
N SER B 29 -25.55 -21.78 33.30
CA SER B 29 -25.88 -21.71 34.74
C SER B 29 -26.55 -20.40 35.14
N HIS B 30 -26.66 -19.45 34.20
CA HIS B 30 -27.22 -18.14 34.49
C HIS B 30 -28.73 -18.27 34.70
N VAL B 31 -29.20 -17.77 35.86
CA VAL B 31 -30.60 -17.62 36.18
C VAL B 31 -30.98 -16.22 35.74
N VAL B 32 -32.09 -16.10 35.01
CA VAL B 32 -32.54 -14.79 34.57
C VAL B 32 -33.64 -14.28 35.51
N GLU B 33 -33.49 -13.02 35.92
CA GLU B 33 -34.39 -12.36 36.82
C GLU B 33 -35.33 -11.48 35.97
N TRP B 34 -36.54 -12.00 35.71
CA TRP B 34 -37.54 -11.40 34.85
C TRP B 34 -38.14 -10.13 35.45
N GLY B 35 -37.90 -9.01 34.76
CA GLY B 35 -38.68 -7.78 34.92
C GLY B 35 -40.16 -7.92 34.51
N ASN B 36 -40.83 -6.77 34.67
CA ASN B 36 -42.28 -6.61 34.54
C ASN B 36 -42.66 -6.22 33.10
N GLN B 37 -43.24 -7.17 32.35
CA GLN B 37 -43.66 -6.98 30.96
C GLN B 37 -44.67 -5.84 30.78
N ASP B 38 -45.45 -5.53 31.82
CA ASP B 38 -46.44 -4.45 31.79
C ASP B 38 -45.82 -3.07 31.97
N ASP B 39 -44.51 -2.99 32.22
CA ASP B 39 -43.82 -1.71 32.29
C ASP B 39 -43.63 -1.10 30.90
N TYR B 40 -43.91 -1.87 29.85
CA TYR B 40 -43.56 -1.48 28.49
C TYR B 40 -44.80 -1.58 27.60
N GLN B 41 -45.11 -0.49 26.92
CA GLN B 41 -46.16 -0.48 25.91
C GLN B 41 -45.49 -0.31 24.56
N LEU B 42 -45.79 -1.23 23.63
CA LEU B 42 -45.23 -1.17 22.29
C LEU B 42 -45.85 0.02 21.53
N VAL B 43 -45.00 0.82 20.91
CA VAL B 43 -45.45 1.92 20.06
C VAL B 43 -45.59 1.43 18.62
N ARG B 44 -44.53 0.89 18.05
CA ARG B 44 -44.49 0.57 16.62
C ARG B 44 -43.39 -0.42 16.30
N LYS B 45 -43.57 -1.25 15.25
CA LYS B 45 -42.52 -2.16 14.82
C LYS B 45 -41.46 -1.37 14.09
N LEU B 46 -40.19 -1.69 14.28
CA LEU B 46 -39.09 -0.96 13.65
C LEU B 46 -38.36 -1.82 12.61
N GLY B 47 -38.41 -3.13 12.78
CA GLY B 47 -37.80 -4.06 11.84
C GLY B 47 -37.97 -5.53 12.22
N ARG B 48 -37.74 -6.47 11.28
CA ARG B 48 -37.86 -7.91 11.54
C ARG B 48 -36.49 -8.55 11.33
N GLY B 49 -36.28 -9.72 11.93
CA GLY B 49 -35.03 -10.46 11.83
C GLY B 49 -35.29 -11.94 11.52
N LYS B 50 -34.20 -12.72 11.42
CA LYS B 50 -34.33 -14.16 11.29
C LYS B 50 -34.89 -14.75 12.58
N TYR B 51 -34.47 -14.18 13.72
CA TYR B 51 -34.77 -14.76 15.03
C TYR B 51 -35.46 -13.78 16.00
N SER B 52 -36.09 -12.70 15.51
CA SER B 52 -36.63 -11.66 16.38
C SER B 52 -37.39 -10.57 15.61
N GLU B 53 -38.28 -9.87 16.33
CA GLU B 53 -38.96 -8.69 15.89
C GLU B 53 -38.66 -7.57 16.87
N VAL B 54 -38.37 -6.38 16.37
CA VAL B 54 -37.95 -5.27 17.21
C VAL B 54 -38.99 -4.17 17.13
N PHE B 55 -39.33 -3.54 18.28
CA PHE B 55 -40.33 -2.50 18.40
C PHE B 55 -39.80 -1.36 19.24
N GLU B 56 -40.19 -0.13 18.90
CA GLU B 56 -40.13 0.98 19.83
C GLU B 56 -41.20 0.79 20.88
N ALA B 57 -40.87 1.09 22.17
CA ALA B 57 -41.85 0.98 23.24
C ALA B 57 -41.62 2.10 24.26
N ILE B 58 -42.57 2.23 25.18
CA ILE B 58 -42.53 3.23 26.23
C ILE B 58 -42.49 2.47 27.54
N ASN B 59 -41.51 2.83 28.37
CA ASN B 59 -41.53 2.43 29.77
C ASN B 59 -42.52 3.34 30.47
N ILE B 60 -43.61 2.76 31.00
CA ILE B 60 -44.77 3.44 31.57
C ILE B 60 -44.37 4.25 32.80
N THR B 61 -43.35 3.79 33.53
CA THR B 61 -43.03 4.25 34.86
C THR B 61 -42.21 5.54 34.83
N ASN B 62 -41.37 5.71 33.80
CA ASN B 62 -40.55 6.91 33.69
C ASN B 62 -40.79 7.65 32.38
N ASN B 63 -41.54 7.03 31.46
CA ASN B 63 -41.88 7.62 30.17
C ASN B 63 -40.67 7.72 29.24
N GLU B 64 -39.66 6.87 29.46
CA GLU B 64 -38.48 6.79 28.59
C GLU B 64 -38.77 5.87 27.40
N LYS B 65 -38.34 6.31 26.21
CA LYS B 65 -38.36 5.49 25.02
C LYS B 65 -37.32 4.37 25.14
N VAL B 66 -37.60 3.23 24.51
CA VAL B 66 -36.88 2.00 24.73
C VAL B 66 -37.07 1.15 23.49
N VAL B 67 -36.26 0.12 23.29
CA VAL B 67 -36.42 -0.77 22.15
C VAL B 67 -36.58 -2.20 22.67
N VAL B 68 -37.55 -2.92 22.14
CA VAL B 68 -37.90 -4.26 22.60
C VAL B 68 -37.68 -5.26 21.48
N LYS B 69 -36.80 -6.22 21.71
CA LYS B 69 -36.53 -7.31 20.79
C LYS B 69 -37.20 -8.57 21.29
N ILE B 70 -38.29 -8.97 20.66
CA ILE B 70 -39.01 -10.16 21.03
C ILE B 70 -38.34 -11.30 20.29
N LEU B 71 -37.82 -12.27 21.04
CA LEU B 71 -37.12 -13.35 20.39
C LEU B 71 -38.13 -14.36 19.87
N LYS B 72 -37.90 -14.78 18.62
CA LYS B 72 -38.50 -16.01 18.11
C LYS B 72 -37.98 -17.22 18.89
N PRO B 73 -38.73 -18.34 19.01
CA PRO B 73 -38.25 -19.49 19.76
C PRO B 73 -36.93 -20.04 19.21
N VAL B 74 -35.92 -20.09 20.07
CA VAL B 74 -34.64 -20.72 19.78
C VAL B 74 -34.16 -21.36 21.07
N LYS B 75 -33.17 -22.26 20.98
CA LYS B 75 -32.65 -22.97 22.15
C LYS B 75 -32.46 -22.00 23.31
N LYS B 76 -32.97 -22.38 24.49
CA LYS B 76 -32.80 -21.57 25.70
C LYS B 76 -31.31 -21.32 25.95
N LYS B 77 -30.41 -22.25 25.55
CA LYS B 77 -28.96 -22.08 25.69
C LYS B 77 -28.54 -20.77 25.00
N LYS B 78 -29.02 -20.57 23.76
CA LYS B 78 -28.65 -19.43 22.94
C LYS B 78 -29.22 -18.13 23.53
N ILE B 79 -30.34 -18.20 24.25
CA ILE B 79 -30.95 -17.04 24.87
C ILE B 79 -30.05 -16.61 26.03
N LYS B 80 -29.68 -17.60 26.86
CA LYS B 80 -28.85 -17.36 28.03
C LYS B 80 -27.49 -16.82 27.61
N ARG B 81 -27.00 -17.31 26.47
CA ARG B 81 -25.73 -16.83 25.94
C ARG B 81 -25.80 -15.34 25.59
N GLU B 82 -26.80 -14.95 24.78
CA GLU B 82 -26.91 -13.55 24.36
C GLU B 82 -27.04 -12.66 25.60
N ILE B 83 -27.88 -13.05 26.55
CA ILE B 83 -28.12 -12.27 27.75
C ILE B 83 -26.84 -12.13 28.57
N LYS B 84 -26.13 -13.23 28.77
CA LYS B 84 -24.94 -13.20 29.60
C LYS B 84 -23.90 -12.27 28.97
N ILE B 85 -23.76 -12.37 27.65
CA ILE B 85 -22.77 -11.60 26.93
C ILE B 85 -23.11 -10.12 27.09
N LEU B 86 -24.40 -9.78 27.03
CA LEU B 86 -24.85 -8.40 27.10
C LEU B 86 -24.62 -7.85 28.50
N GLU B 87 -24.83 -8.69 29.52
CA GLU B 87 -24.61 -8.30 30.89
C GLU B 87 -23.10 -8.10 31.13
N ASN B 88 -22.28 -9.02 30.63
CA ASN B 88 -20.84 -8.89 30.79
C ASN B 88 -20.31 -7.60 30.15
N LEU B 89 -20.86 -7.21 28.99
CA LEU B 89 -20.33 -6.08 28.22
C LEU B 89 -20.98 -4.75 28.61
N ARG B 90 -21.96 -4.75 29.54
CA ARG B 90 -22.70 -3.54 29.85
C ARG B 90 -21.71 -2.47 30.34
N GLY B 91 -21.86 -1.25 29.82
CA GLY B 91 -21.04 -0.12 30.21
C GLY B 91 -19.79 0.00 29.34
N GLY B 92 -19.55 -0.99 28.49
CA GLY B 92 -18.40 -0.94 27.61
C GLY B 92 -18.60 0.08 26.50
N PRO B 93 -17.52 0.62 25.92
CA PRO B 93 -17.62 1.64 24.88
C PRO B 93 -18.35 1.15 23.63
N ASN B 94 -19.39 1.91 23.28
CA ASN B 94 -20.15 1.75 22.04
C ASN B 94 -20.86 0.39 21.99
N ILE B 95 -21.11 -0.24 23.13
CA ILE B 95 -21.88 -1.48 23.21
C ILE B 95 -23.33 -1.11 23.54
N ILE B 96 -24.32 -1.65 22.84
CA ILE B 96 -25.69 -1.34 23.20
C ILE B 96 -25.96 -1.81 24.63
N THR B 97 -26.67 -1.03 25.41
CA THR B 97 -27.01 -1.36 26.78
C THR B 97 -28.32 -2.12 26.85
N LEU B 98 -28.28 -3.30 27.48
CA LEU B 98 -29.48 -4.05 27.81
C LEU B 98 -30.03 -3.47 29.10
N ALA B 99 -31.26 -3.01 29.06
CA ALA B 99 -31.85 -2.34 30.21
C ALA B 99 -32.70 -3.32 31.02
N ASP B 100 -33.27 -4.35 30.37
CA ASP B 100 -34.23 -5.22 31.05
C ASP B 100 -34.55 -6.45 30.21
N ILE B 101 -35.25 -7.42 30.83
CA ILE B 101 -35.63 -8.66 30.21
C ILE B 101 -37.02 -9.03 30.71
N VAL B 102 -37.98 -9.24 29.80
CA VAL B 102 -39.33 -9.59 30.19
C VAL B 102 -39.82 -10.77 29.38
N LYS B 103 -41.02 -11.24 29.70
CA LYS B 103 -41.64 -12.36 29.04
C LYS B 103 -42.83 -11.85 28.25
N ASP B 104 -42.76 -11.97 26.92
CA ASP B 104 -43.80 -11.40 26.09
C ASP B 104 -45.09 -12.17 26.38
N PRO B 105 -46.20 -11.52 26.74
CA PRO B 105 -47.46 -12.23 27.00
C PRO B 105 -47.99 -13.10 25.85
N VAL B 106 -47.56 -12.80 24.61
CA VAL B 106 -48.14 -13.39 23.42
C VAL B 106 -47.24 -14.50 22.89
N SER B 107 -45.94 -14.23 22.77
CA SER B 107 -44.94 -15.20 22.38
C SER B 107 -44.61 -16.19 23.49
N ARG B 108 -44.92 -15.83 24.74
CA ARG B 108 -44.44 -16.57 25.91
C ARG B 108 -42.93 -16.83 25.75
N THR B 109 -42.30 -15.98 24.93
CA THR B 109 -40.88 -16.06 24.64
C THR B 109 -40.25 -14.92 25.42
N PRO B 110 -38.93 -14.96 25.60
CA PRO B 110 -38.19 -13.79 26.08
C PRO B 110 -38.29 -12.60 25.13
N ALA B 111 -38.22 -11.41 25.73
CA ALA B 111 -38.09 -10.13 25.04
C ALA B 111 -37.03 -9.31 25.75
N LEU B 112 -36.04 -8.80 24.99
CA LEU B 112 -34.93 -8.06 25.56
C LEU B 112 -35.22 -6.58 25.36
N VAL B 113 -34.98 -5.77 26.40
CA VAL B 113 -35.29 -4.36 26.38
C VAL B 113 -33.99 -3.56 26.40
N PHE B 114 -33.84 -2.64 25.42
CA PHE B 114 -32.57 -2.00 25.15
C PHE B 114 -32.74 -0.47 25.18
N GLU B 115 -31.61 0.23 25.37
CA GLU B 115 -31.57 1.68 25.20
C GLU B 115 -32.00 2.00 23.77
N HIS B 116 -32.62 3.16 23.59
CA HIS B 116 -33.03 3.66 22.29
C HIS B 116 -31.90 4.47 21.66
N VAL B 117 -31.61 4.20 20.39
CA VAL B 117 -30.70 5.01 19.60
C VAL B 117 -31.48 5.62 18.44
N ASN B 118 -31.31 6.93 18.21
CA ASN B 118 -31.91 7.59 17.06
C ASN B 118 -31.07 7.33 15.82
N ASN B 119 -31.23 6.12 15.29
CA ASN B 119 -30.44 5.62 14.16
C ASN B 119 -30.82 6.35 12.87
N THR B 120 -29.80 6.73 12.08
CA THR B 120 -29.96 7.45 10.85
C THR B 120 -29.95 6.42 9.72
N ASP B 121 -30.76 6.67 8.69
CA ASP B 121 -30.96 5.76 7.56
C ASP B 121 -29.61 5.34 6.94
N PHE B 122 -29.37 4.02 6.79
CA PHE B 122 -28.10 3.51 6.29
C PHE B 122 -27.92 3.77 4.79
N LYS B 123 -29.04 3.78 4.06
CA LYS B 123 -29.05 4.20 2.66
C LYS B 123 -28.66 5.69 2.59
N GLN B 124 -29.39 6.51 3.35
CA GLN B 124 -29.13 7.95 3.40
C GLN B 124 -27.72 8.20 3.92
N LEU B 125 -27.26 7.44 4.93
CA LEU B 125 -26.01 7.78 5.59
C LEU B 125 -24.82 7.41 4.72
N TYR B 126 -24.85 6.22 4.08
CA TYR B 126 -23.68 5.68 3.38
C TYR B 126 -23.51 6.32 1.99
N GLN B 127 -24.26 7.39 1.68
CA GLN B 127 -23.99 8.21 0.51
C GLN B 127 -23.28 9.52 0.92
N THR B 128 -23.54 9.93 2.17
CA THR B 128 -23.24 11.29 2.58
C THR B 128 -21.89 11.38 3.28
N LEU B 129 -21.16 10.25 3.40
CA LEU B 129 -20.12 10.10 4.41
C LEU B 129 -18.80 10.64 3.87
N THR B 130 -18.18 11.57 4.61
CA THR B 130 -16.89 12.13 4.26
C THR B 130 -15.78 11.15 4.63
N ASP B 131 -14.58 11.37 4.07
CA ASP B 131 -13.40 10.61 4.40
C ASP B 131 -13.21 10.61 5.93
N TYR B 132 -13.34 11.78 6.54
CA TYR B 132 -13.18 11.92 7.98
C TYR B 132 -14.22 11.11 8.76
N ASP B 133 -15.47 11.07 8.26
CA ASP B 133 -16.55 10.39 8.96
C ASP B 133 -16.27 8.89 9.02
N ILE B 134 -15.88 8.31 7.89
CA ILE B 134 -15.55 6.90 7.81
C ILE B 134 -14.47 6.57 8.83
N ARG B 135 -13.43 7.41 8.91
CA ARG B 135 -12.34 7.21 9.85
C ARG B 135 -12.86 7.26 11.29
N PHE B 136 -13.72 8.24 11.56
CA PHE B 136 -14.24 8.46 12.90
C PHE B 136 -15.09 7.28 13.37
N TYR B 137 -16.01 6.85 12.52
CA TYR B 137 -16.93 5.77 12.89
C TYR B 137 -16.21 4.43 12.89
N MET B 138 -15.20 4.27 12.04
CA MET B 138 -14.40 3.05 12.07
C MET B 138 -13.65 2.95 13.40
N TYR B 139 -13.14 4.09 13.88
CA TYR B 139 -12.46 4.15 15.17
C TYR B 139 -13.46 3.77 16.29
N GLU B 140 -14.67 4.32 16.22
CA GLU B 140 -15.71 4.03 17.20
C GLU B 140 -16.04 2.54 17.22
N ILE B 141 -16.13 1.89 16.05
CA ILE B 141 -16.44 0.46 16.01
C ILE B 141 -15.32 -0.34 16.67
N LEU B 142 -14.06 0.01 16.38
CA LEU B 142 -12.88 -0.67 16.90
C LEU B 142 -12.82 -0.59 18.42
N LYS B 143 -13.23 0.53 19.01
CA LYS B 143 -13.33 0.63 20.45
C LYS B 143 -14.23 -0.50 20.99
N ALA B 144 -15.37 -0.71 20.35
CA ALA B 144 -16.31 -1.72 20.79
C ALA B 144 -15.68 -3.10 20.63
N LEU B 145 -15.00 -3.34 19.51
CA LEU B 145 -14.44 -4.65 19.21
C LEU B 145 -13.25 -4.98 20.11
N ASP B 146 -12.40 -3.98 20.40
CA ASP B 146 -11.28 -4.20 21.30
C ASP B 146 -11.80 -4.49 22.70
N TYR B 147 -12.84 -3.75 23.12
CA TYR B 147 -13.43 -4.01 24.42
C TYR B 147 -13.99 -5.44 24.49
N CYS B 148 -14.85 -5.84 23.55
CA CYS B 148 -15.50 -7.14 23.67
C CYS B 148 -14.48 -8.27 23.50
N HIS B 149 -13.48 -8.07 22.63
CA HIS B 149 -12.43 -9.07 22.49
C HIS B 149 -11.65 -9.19 23.79
N SER B 150 -11.38 -8.04 24.44
CA SER B 150 -10.62 -8.03 25.68
C SER B 150 -11.41 -8.67 26.82
N MET B 151 -12.74 -8.70 26.67
CA MET B 151 -13.63 -9.31 27.64
C MET B 151 -13.98 -10.75 27.24
N GLY B 152 -13.26 -11.30 26.26
CA GLY B 152 -13.35 -12.72 25.95
C GLY B 152 -14.46 -13.07 24.99
N ILE B 153 -14.98 -12.06 24.26
CA ILE B 153 -16.16 -12.26 23.44
C ILE B 153 -15.88 -11.91 21.98
N MET B 154 -16.25 -12.84 21.09
CA MET B 154 -16.32 -12.64 19.65
C MET B 154 -17.75 -12.27 19.26
N HIS B 155 -17.94 -11.22 18.46
CA HIS B 155 -19.28 -10.79 18.05
C HIS B 155 -19.85 -11.73 16.98
N ARG B 156 -19.09 -11.94 15.90
CA ARG B 156 -19.35 -12.95 14.88
C ARG B 156 -20.52 -12.56 13.95
N ASP B 157 -20.98 -11.30 13.98
CA ASP B 157 -21.99 -10.80 13.06
C ASP B 157 -21.78 -9.29 12.80
N VAL B 158 -20.53 -8.90 12.53
CA VAL B 158 -20.22 -7.52 12.25
C VAL B 158 -20.61 -7.24 10.81
N LYS B 159 -21.47 -6.23 10.66
CA LYS B 159 -21.96 -5.77 9.37
C LYS B 159 -22.62 -4.42 9.58
N PRO B 160 -22.85 -3.63 8.53
CA PRO B 160 -23.49 -2.31 8.69
C PRO B 160 -24.83 -2.32 9.41
N HIS B 161 -25.67 -3.34 9.18
CA HIS B 161 -26.97 -3.39 9.85
C HIS B 161 -26.82 -3.50 11.36
N ASN B 162 -25.64 -3.94 11.86
CA ASN B 162 -25.44 -4.13 13.30
C ASN B 162 -24.70 -2.96 13.94
N VAL B 163 -24.59 -1.85 13.20
CA VAL B 163 -23.99 -0.64 13.74
C VAL B 163 -25.00 0.49 13.67
N MET B 164 -25.43 1.01 14.82
CA MET B 164 -26.42 2.03 14.92
C MET B 164 -25.67 3.34 15.12
N ILE B 165 -25.97 4.32 14.28
CA ILE B 165 -25.34 5.62 14.35
C ILE B 165 -26.42 6.69 14.49
N ASP B 166 -26.35 7.46 15.59
CA ASP B 166 -27.01 8.75 15.71
C ASP B 166 -26.08 9.84 15.17
N HIS B 167 -26.19 10.16 13.86
CA HIS B 167 -25.22 11.01 13.18
C HIS B 167 -25.22 12.41 13.82
N GLU B 168 -26.40 12.92 14.17
CA GLU B 168 -26.54 14.19 14.87
C GLU B 168 -25.58 14.29 16.05
N HIS B 169 -25.50 13.25 16.90
CA HIS B 169 -24.73 13.32 18.14
C HIS B 169 -23.41 12.56 18.02
N ARG B 170 -23.08 12.08 16.81
CA ARG B 170 -21.83 11.42 16.49
C ARG B 170 -21.66 10.21 17.42
N LYS B 171 -22.74 9.43 17.55
CA LYS B 171 -22.83 8.41 18.57
C LYS B 171 -23.10 7.06 17.89
N LEU B 172 -22.36 6.04 18.31
CA LEU B 172 -22.38 4.74 17.64
C LEU B 172 -22.58 3.64 18.67
N ARG B 173 -23.37 2.62 18.31
CA ARG B 173 -23.60 1.46 19.17
C ARG B 173 -23.56 0.20 18.31
N LEU B 174 -22.78 -0.79 18.77
CA LEU B 174 -22.71 -2.11 18.16
C LEU B 174 -23.81 -2.97 18.77
N ILE B 175 -24.72 -3.46 17.90
CA ILE B 175 -25.92 -4.15 18.36
C ILE B 175 -25.86 -5.61 17.90
N ASP B 176 -26.94 -6.32 18.25
CA ASP B 176 -27.20 -7.69 17.86
C ASP B 176 -26.07 -8.65 18.26
N TRP B 177 -26.10 -9.06 19.54
CA TRP B 177 -25.10 -9.94 20.12
C TRP B 177 -25.57 -11.38 20.09
N GLY B 178 -26.45 -11.71 19.15
CA GLY B 178 -27.18 -12.97 19.15
C GLY B 178 -26.35 -14.13 18.61
N LEU B 179 -25.30 -13.84 17.84
CA LEU B 179 -24.36 -14.85 17.40
C LEU B 179 -23.07 -14.82 18.23
N ALA B 180 -22.96 -13.89 19.17
CA ALA B 180 -21.71 -13.69 19.89
C ALA B 180 -21.42 -14.94 20.71
N GLU B 181 -20.13 -15.17 20.98
CA GLU B 181 -19.70 -16.37 21.67
C GLU B 181 -18.44 -16.03 22.48
N PHE B 182 -18.22 -16.81 23.55
CA PHE B 182 -17.02 -16.69 24.38
C PHE B 182 -15.86 -17.41 23.71
N TYR B 183 -14.70 -16.75 23.66
CA TYR B 183 -13.52 -17.38 23.08
C TYR B 183 -12.83 -18.23 24.14
N HIS B 184 -12.64 -19.50 23.83
CA HIS B 184 -11.88 -20.42 24.63
C HIS B 184 -10.85 -21.11 23.75
N PRO B 185 -9.55 -21.14 24.14
CA PRO B 185 -8.50 -21.69 23.29
C PRO B 185 -8.66 -23.19 23.13
N GLY B 186 -8.58 -23.62 21.86
CA GLY B 186 -8.82 -24.99 21.48
C GLY B 186 -10.24 -25.26 20.97
N GLN B 187 -11.22 -24.39 21.29
CA GLN B 187 -12.61 -24.71 20.97
C GLN B 187 -12.86 -24.61 19.47
N GLU B 188 -13.65 -25.55 18.94
CA GLU B 188 -14.06 -25.58 17.55
C GLU B 188 -15.48 -25.06 17.47
N TYR B 189 -15.69 -24.03 16.63
CA TYR B 189 -16.93 -23.29 16.66
C TYR B 189 -17.70 -23.62 15.38
N ASN B 190 -19.02 -23.33 15.44
CA ASN B 190 -19.87 -23.40 14.27
C ASN B 190 -19.44 -22.32 13.26
N VAL B 191 -19.26 -22.75 12.01
CA VAL B 191 -18.91 -21.84 10.93
C VAL B 191 -20.13 -21.18 10.29
N ARG B 192 -21.35 -21.65 10.58
CA ARG B 192 -22.56 -21.03 10.01
C ARG B 192 -22.94 -19.82 10.88
N VAL B 193 -22.10 -18.79 10.80
CA VAL B 193 -22.34 -17.53 11.48
C VAL B 193 -22.00 -16.40 10.52
N ALA B 194 -22.43 -15.17 10.85
CA ALA B 194 -22.21 -13.97 10.06
C ALA B 194 -23.01 -13.97 8.75
N SER B 195 -23.30 -12.77 8.23
CA SER B 195 -23.90 -12.64 6.91
C SER B 195 -22.88 -13.00 5.84
N ARG B 196 -23.37 -13.52 4.72
CA ARG B 196 -22.52 -14.11 3.71
C ARG B 196 -21.42 -13.16 3.25
N TYR B 197 -21.75 -11.87 3.06
CA TYR B 197 -20.83 -10.94 2.45
C TYR B 197 -19.67 -10.61 3.39
N PHE B 198 -19.86 -10.92 4.69
CA PHE B 198 -18.90 -10.58 5.74
C PHE B 198 -18.25 -11.84 6.33
N LYS B 199 -18.52 -13.02 5.75
CA LYS B 199 -17.92 -14.24 6.24
C LYS B 199 -16.45 -14.29 5.87
N GLY B 200 -15.65 -14.66 6.86
CA GLY B 200 -14.22 -14.82 6.66
C GLY B 200 -13.92 -16.15 5.98
N PRO B 201 -12.75 -16.25 5.31
CA PRO B 201 -12.33 -17.48 4.66
C PRO B 201 -12.35 -18.72 5.54
N GLU B 202 -12.02 -18.52 6.83
CA GLU B 202 -12.04 -19.60 7.79
C GLU B 202 -13.44 -20.23 7.85
N LEU B 203 -14.50 -19.42 7.78
CA LEU B 203 -15.86 -19.95 7.77
C LEU B 203 -16.10 -20.67 6.43
N LEU B 204 -15.65 -20.06 5.33
CA LEU B 204 -15.98 -20.54 3.99
C LEU B 204 -15.28 -21.86 3.64
N VAL B 205 -14.11 -22.13 4.25
CA VAL B 205 -13.36 -23.37 4.02
C VAL B 205 -13.55 -24.32 5.20
N ASP B 206 -14.44 -23.96 6.14
CA ASP B 206 -14.76 -24.79 7.29
C ASP B 206 -13.51 -25.04 8.14
N TYR B 207 -12.84 -23.96 8.55
CA TYR B 207 -11.89 -24.02 9.65
C TYR B 207 -12.55 -23.51 10.91
N GLN B 208 -12.68 -24.41 11.92
CA GLN B 208 -13.56 -24.19 13.05
C GLN B 208 -12.85 -23.60 14.26
N MET B 209 -11.51 -23.59 14.28
CA MET B 209 -10.76 -23.20 15.46
C MET B 209 -10.34 -21.74 15.29
N TYR B 210 -11.37 -20.90 15.01
CA TYR B 210 -11.23 -19.49 14.73
C TYR B 210 -11.33 -18.68 16.02
N ASP B 211 -11.24 -17.35 15.93
CA ASP B 211 -11.12 -16.49 17.08
C ASP B 211 -11.59 -15.07 16.74
N TYR B 212 -11.22 -14.13 17.64
CA TYR B 212 -11.66 -12.75 17.53
C TYR B 212 -11.37 -12.16 16.15
N SER B 213 -10.30 -12.64 15.49
CA SER B 213 -9.83 -12.07 14.25
C SER B 213 -10.89 -12.19 13.12
N LEU B 214 -11.84 -13.12 13.31
CA LEU B 214 -13.00 -13.20 12.45
C LEU B 214 -13.67 -11.84 12.28
N ASP B 215 -13.83 -11.12 13.40
CA ASP B 215 -14.53 -9.84 13.40
C ASP B 215 -13.77 -8.79 12.58
N MET B 216 -12.43 -8.96 12.51
CA MET B 216 -11.57 -7.98 11.86
C MET B 216 -11.68 -8.15 10.34
N TRP B 217 -11.88 -9.38 9.85
CA TRP B 217 -12.21 -9.58 8.45
C TRP B 217 -13.50 -8.82 8.10
N SER B 218 -14.55 -9.04 8.89
CA SER B 218 -15.84 -8.43 8.64
C SER B 218 -15.73 -6.91 8.62
N LEU B 219 -14.91 -6.37 9.52
CA LEU B 219 -14.71 -4.93 9.55
C LEU B 219 -14.07 -4.45 8.24
N GLY B 220 -13.18 -5.30 7.69
CA GLY B 220 -12.50 -5.01 6.45
C GLY B 220 -13.46 -4.95 5.25
N CYS B 221 -14.37 -5.92 5.20
CA CYS B 221 -15.45 -5.92 4.22
C CYS B 221 -16.26 -4.63 4.30
N MET B 222 -16.56 -4.18 5.51
CA MET B 222 -17.29 -2.94 5.68
C MET B 222 -16.46 -1.79 5.14
N LEU B 223 -15.17 -1.72 5.51
CA LEU B 223 -14.34 -0.59 5.14
C LEU B 223 -14.24 -0.48 3.63
N ALA B 224 -14.00 -1.63 2.97
CA ALA B 224 -13.91 -1.70 1.53
C ALA B 224 -15.17 -1.11 0.89
N SER B 225 -16.36 -1.51 1.36
CA SER B 225 -17.58 -1.05 0.74
C SER B 225 -17.76 0.44 0.93
N MET B 226 -17.31 0.97 2.08
CA MET B 226 -17.46 2.39 2.34
C MET B 226 -16.51 3.24 1.49
N ILE B 227 -15.24 2.83 1.35
CA ILE B 227 -14.27 3.69 0.67
C ILE B 227 -14.42 3.56 -0.84
N PHE B 228 -14.79 2.37 -1.34
CA PHE B 228 -14.93 2.12 -2.75
C PHE B 228 -16.37 2.33 -3.22
N ARG B 229 -17.26 2.74 -2.30
CA ARG B 229 -18.66 2.99 -2.62
C ARG B 229 -19.21 1.84 -3.46
N LYS B 230 -19.09 0.63 -2.92
CA LYS B 230 -19.64 -0.60 -3.51
C LYS B 230 -20.15 -1.49 -2.37
N GLU B 231 -21.48 -1.55 -2.14
CA GLU B 231 -22.11 -2.25 -1.03
C GLU B 231 -22.93 -3.44 -1.53
N PRO B 232 -22.58 -4.72 -1.25
CA PRO B 232 -21.37 -5.10 -0.52
C PRO B 232 -20.17 -5.24 -1.45
N PHE B 233 -18.97 -5.27 -0.86
CA PHE B 233 -17.76 -5.30 -1.65
C PHE B 233 -17.58 -6.65 -2.33
N PHE B 234 -17.63 -7.75 -1.57
CA PHE B 234 -17.66 -9.09 -2.12
C PHE B 234 -19.10 -9.59 -2.10
N HIS B 235 -19.71 -9.61 -3.29
CA HIS B 235 -21.12 -9.93 -3.49
C HIS B 235 -21.25 -11.35 -4.06
N GLY B 236 -20.96 -12.37 -3.24
CA GLY B 236 -21.13 -13.76 -3.65
C GLY B 236 -22.61 -14.16 -3.67
N HIS B 237 -22.95 -15.15 -4.52
CA HIS B 237 -24.31 -15.67 -4.69
C HIS B 237 -24.63 -16.70 -3.62
N ASP B 238 -23.59 -17.35 -3.10
CA ASP B 238 -23.69 -18.35 -2.05
C ASP B 238 -22.31 -18.48 -1.42
N ASN B 239 -22.15 -19.44 -0.50
CA ASN B 239 -20.93 -19.53 0.29
C ASN B 239 -19.73 -19.90 -0.57
N TYR B 240 -19.98 -20.68 -1.64
CA TYR B 240 -18.93 -21.12 -2.52
C TYR B 240 -18.47 -19.96 -3.40
N ASP B 241 -19.42 -19.31 -4.08
CA ASP B 241 -19.11 -18.17 -4.92
C ASP B 241 -18.58 -17.00 -4.08
N GLN B 242 -18.84 -17.00 -2.76
CA GLN B 242 -18.36 -15.92 -1.92
C GLN B 242 -16.82 -16.02 -1.84
N LEU B 243 -16.29 -17.24 -1.71
CA LEU B 243 -14.85 -17.43 -1.62
C LEU B 243 -14.19 -17.06 -2.95
N VAL B 244 -14.86 -17.39 -4.05
CA VAL B 244 -14.37 -17.10 -5.39
C VAL B 244 -14.31 -15.59 -5.61
N ARG B 245 -15.33 -14.85 -5.16
CA ARG B 245 -15.30 -13.40 -5.28
C ARG B 245 -14.09 -12.86 -4.52
N ILE B 246 -13.78 -13.48 -3.37
CA ILE B 246 -12.64 -13.06 -2.57
C ILE B 246 -11.34 -13.41 -3.30
N ALA B 247 -11.25 -14.65 -3.82
CA ALA B 247 -10.09 -15.13 -4.54
C ALA B 247 -9.77 -14.27 -5.77
N LYS B 248 -10.81 -13.75 -6.44
CA LYS B 248 -10.59 -12.93 -7.63
C LYS B 248 -9.95 -11.60 -7.22
N VAL B 249 -9.82 -11.32 -5.92
CA VAL B 249 -9.26 -10.05 -5.45
C VAL B 249 -7.96 -10.29 -4.67
N LEU B 250 -7.99 -11.17 -3.67
CA LEU B 250 -6.80 -11.47 -2.88
C LEU B 250 -5.92 -12.50 -3.59
N GLY B 251 -6.39 -13.04 -4.71
CA GLY B 251 -5.63 -14.03 -5.49
C GLY B 251 -5.62 -15.40 -4.83
N THR B 252 -5.33 -16.44 -5.62
CA THR B 252 -5.43 -17.81 -5.16
C THR B 252 -4.14 -18.31 -4.52
N GLU B 253 -3.01 -17.63 -4.76
CA GLU B 253 -1.73 -18.13 -4.25
C GLU B 253 -1.76 -18.17 -2.72
N ASP B 254 -2.20 -17.07 -2.09
CA ASP B 254 -2.25 -16.96 -0.63
C ASP B 254 -3.35 -17.86 -0.06
N LEU B 255 -4.43 -18.09 -0.85
CA LEU B 255 -5.49 -18.99 -0.45
C LEU B 255 -4.93 -20.39 -0.23
N TYR B 256 -4.19 -20.91 -1.22
CA TYR B 256 -3.69 -22.27 -1.16
C TYR B 256 -2.55 -22.40 -0.14
N ASP B 257 -1.78 -21.34 0.08
CA ASP B 257 -0.78 -21.34 1.15
C ASP B 257 -1.46 -21.42 2.50
N TYR B 258 -2.57 -20.67 2.67
CA TYR B 258 -3.39 -20.70 3.86
C TYR B 258 -3.91 -22.10 4.16
N ILE B 259 -4.49 -22.78 3.15
CA ILE B 259 -5.12 -24.06 3.40
C ILE B 259 -4.02 -25.10 3.67
N ASP B 260 -2.86 -24.88 3.04
CA ASP B 260 -1.70 -25.72 3.28
C ASP B 260 -1.18 -25.57 4.70
N LYS B 261 -1.02 -24.32 5.15
CA LYS B 261 -0.46 -24.05 6.46
C LYS B 261 -1.28 -24.72 7.55
N TYR B 262 -2.62 -24.72 7.39
CA TYR B 262 -3.52 -25.25 8.41
C TYR B 262 -4.04 -26.64 8.07
N ASN B 263 -3.62 -27.15 6.89
CA ASN B 263 -3.92 -28.50 6.46
C ASN B 263 -5.44 -28.72 6.44
N ILE B 264 -6.13 -27.89 5.67
CA ILE B 264 -7.57 -27.88 5.57
C ILE B 264 -8.02 -28.76 4.40
N GLU B 265 -8.90 -29.74 4.68
CA GLU B 265 -9.47 -30.59 3.64
C GLU B 265 -10.53 -29.75 2.93
N LEU B 266 -10.15 -29.21 1.77
CA LEU B 266 -11.00 -28.31 1.01
C LEU B 266 -12.09 -29.13 0.32
N ASP B 267 -13.35 -28.69 0.41
CA ASP B 267 -14.46 -29.29 -0.30
C ASP B 267 -14.05 -29.47 -1.77
N PRO B 268 -14.27 -30.64 -2.41
CA PRO B 268 -13.87 -30.84 -3.81
C PRO B 268 -14.58 -29.94 -4.83
N ARG B 269 -15.80 -29.53 -4.48
CA ARG B 269 -16.59 -28.59 -5.27
C ARG B 269 -15.76 -27.36 -5.59
N PHE B 270 -15.01 -26.89 -4.60
CA PHE B 270 -14.17 -25.71 -4.74
C PHE B 270 -13.06 -25.90 -5.77
N ASN B 271 -12.50 -27.09 -5.94
CA ASN B 271 -11.35 -27.10 -6.82
C ASN B 271 -11.82 -26.74 -8.24
N ASP B 272 -13.03 -27.18 -8.62
CA ASP B 272 -13.53 -26.95 -9.96
C ASP B 272 -13.80 -25.47 -10.27
N ILE B 273 -13.96 -24.58 -9.26
CA ILE B 273 -14.55 -23.26 -9.47
C ILE B 273 -13.62 -22.12 -9.02
N LEU B 274 -12.65 -22.45 -8.17
CA LEU B 274 -11.75 -21.46 -7.62
C LEU B 274 -10.76 -21.03 -8.70
N GLY B 275 -10.01 -22.01 -9.23
CA GLY B 275 -9.13 -21.78 -10.38
C GLY B 275 -7.80 -21.15 -9.96
N ARG B 276 -7.34 -20.21 -10.79
CA ARG B 276 -6.06 -19.52 -10.57
C ARG B 276 -6.27 -18.04 -10.89
N HIS B 277 -6.03 -17.21 -9.88
CA HIS B 277 -6.27 -15.78 -9.97
C HIS B 277 -5.09 -15.07 -9.30
N SER B 278 -4.71 -13.92 -9.84
CA SER B 278 -3.63 -13.13 -9.28
C SER B 278 -4.19 -12.28 -8.14
N ARG B 279 -3.32 -11.82 -7.24
CA ARG B 279 -3.74 -10.82 -6.28
C ARG B 279 -3.81 -9.49 -6.99
N LYS B 280 -4.97 -8.83 -6.93
CA LYS B 280 -5.13 -7.54 -7.60
C LYS B 280 -4.61 -6.43 -6.69
N ARG B 281 -4.37 -5.26 -7.31
CA ARG B 281 -3.96 -4.07 -6.56
C ARG B 281 -5.23 -3.25 -6.30
N TRP B 282 -5.26 -2.46 -5.24
CA TRP B 282 -6.51 -1.76 -4.84
C TRP B 282 -6.85 -0.62 -5.79
N GLU B 283 -5.92 -0.25 -6.67
CA GLU B 283 -6.16 0.87 -7.60
C GLU B 283 -7.30 0.49 -8.55
N ARG B 284 -7.38 -0.79 -8.92
CA ARG B 284 -8.39 -1.22 -9.91
C ARG B 284 -9.80 -0.92 -9.40
N PHE B 285 -9.94 -0.49 -8.15
CA PHE B 285 -11.28 -0.22 -7.62
C PHE B 285 -11.46 1.24 -7.30
N VAL B 286 -10.42 2.06 -7.55
CA VAL B 286 -10.58 3.50 -7.45
C VAL B 286 -11.15 4.03 -8.75
N HIS B 287 -12.12 4.93 -8.60
CA HIS B 287 -12.80 5.58 -9.74
C HIS B 287 -13.07 7.00 -9.25
N SER B 288 -13.48 7.91 -10.14
CA SER B 288 -13.64 9.32 -9.74
C SER B 288 -14.57 9.47 -8.54
N GLU B 289 -15.63 8.67 -8.48
CA GLU B 289 -16.65 8.84 -7.41
C GLU B 289 -16.09 8.46 -6.03
N ASN B 290 -15.18 7.48 -5.96
CA ASN B 290 -14.69 6.99 -4.63
C ASN B 290 -13.37 7.65 -4.27
N GLN B 291 -12.58 8.06 -5.25
CA GLN B 291 -11.22 8.61 -5.01
C GLN B 291 -11.19 9.55 -3.80
N HIS B 292 -12.25 10.32 -3.57
CA HIS B 292 -12.19 11.32 -2.48
C HIS B 292 -12.11 10.63 -1.12
N LEU B 293 -12.43 9.33 -1.06
CA LEU B 293 -12.44 8.60 0.22
C LEU B 293 -11.22 7.69 0.30
N VAL B 294 -10.65 7.34 -0.85
CA VAL B 294 -9.50 6.40 -0.87
C VAL B 294 -8.20 7.19 -0.62
N SER B 295 -7.27 6.61 0.13
CA SER B 295 -5.98 7.27 0.46
C SER B 295 -4.95 6.18 0.66
N PRO B 296 -3.64 6.42 0.45
CA PRO B 296 -2.65 5.39 0.77
C PRO B 296 -2.83 4.77 2.16
N GLU B 297 -3.19 5.63 3.13
CA GLU B 297 -3.44 5.21 4.51
C GLU B 297 -4.58 4.19 4.53
N ALA B 298 -5.69 4.52 3.84
CA ALA B 298 -6.89 3.68 3.85
C ALA B 298 -6.59 2.30 3.26
N LEU B 299 -5.76 2.27 2.22
CA LEU B 299 -5.49 1.04 1.51
C LEU B 299 -4.52 0.18 2.31
N ASP B 300 -3.59 0.86 3.00
CA ASP B 300 -2.62 0.15 3.81
C ASP B 300 -3.39 -0.56 4.92
N PHE B 301 -4.28 0.20 5.59
CA PHE B 301 -5.14 -0.32 6.64
C PHE B 301 -5.98 -1.50 6.13
N LEU B 302 -6.71 -1.28 5.03
CA LEU B 302 -7.60 -2.29 4.49
C LEU B 302 -6.86 -3.59 4.16
N ASP B 303 -5.67 -3.45 3.56
CA ASP B 303 -4.88 -4.60 3.14
C ASP B 303 -4.57 -5.47 4.35
N LYS B 304 -4.35 -4.83 5.51
CA LYS B 304 -3.92 -5.51 6.72
C LYS B 304 -5.08 -6.08 7.54
N LEU B 305 -6.32 -5.73 7.17
CA LEU B 305 -7.48 -6.46 7.68
C LEU B 305 -7.78 -7.66 6.80
N LEU B 306 -7.77 -7.47 5.47
CA LEU B 306 -8.23 -8.53 4.58
C LEU B 306 -7.13 -9.55 4.26
N ARG B 307 -6.88 -10.48 5.20
CA ARG B 307 -5.91 -11.54 4.99
C ARG B 307 -6.58 -12.89 5.23
N TYR B 308 -6.35 -13.86 4.34
CA TYR B 308 -6.88 -15.20 4.51
C TYR B 308 -6.47 -15.75 5.86
N ASP B 309 -5.16 -15.70 6.15
CA ASP B 309 -4.64 -16.20 7.39
C ASP B 309 -5.11 -15.25 8.51
N HIS B 310 -5.94 -15.80 9.38
CA HIS B 310 -6.55 -15.04 10.47
C HIS B 310 -5.47 -14.54 11.46
N GLN B 311 -4.39 -15.31 11.65
CA GLN B 311 -3.30 -14.93 12.52
C GLN B 311 -2.57 -13.69 12.01
N SER B 312 -2.71 -13.39 10.71
CA SER B 312 -1.93 -12.35 10.05
C SER B 312 -2.68 -11.02 10.03
N ARG B 313 -3.96 -10.98 10.44
CA ARG B 313 -4.78 -9.76 10.38
C ARG B 313 -4.48 -8.89 11.60
N LEU B 314 -4.74 -7.58 11.46
CA LEU B 314 -4.54 -6.65 12.54
C LEU B 314 -5.46 -7.02 13.70
N THR B 315 -5.02 -6.76 14.93
CA THR B 315 -5.92 -6.77 16.07
C THR B 315 -6.64 -5.42 16.11
N ALA B 316 -7.71 -5.35 16.90
CA ALA B 316 -8.39 -4.09 17.08
C ALA B 316 -7.43 -3.03 17.60
N ARG B 317 -6.57 -3.36 18.58
CA ARG B 317 -5.68 -2.39 19.20
C ARG B 317 -4.65 -1.89 18.17
N GLU B 318 -4.05 -2.83 17.42
CA GLU B 318 -3.09 -2.49 16.36
C GLU B 318 -3.76 -1.61 15.30
N ALA B 319 -5.01 -1.94 14.96
CA ALA B 319 -5.78 -1.15 14.00
C ALA B 319 -5.98 0.27 14.50
N MET B 320 -6.23 0.44 15.80
CA MET B 320 -6.53 1.75 16.35
C MET B 320 -5.27 2.62 16.33
N GLU B 321 -4.09 1.99 16.26
CA GLU B 321 -2.81 2.68 16.27
C GLU B 321 -2.32 3.02 14.85
N HIS B 322 -3.06 2.59 13.83
CA HIS B 322 -2.69 2.81 12.44
C HIS B 322 -2.81 4.28 12.04
N PRO B 323 -1.92 4.78 11.16
CA PRO B 323 -1.95 6.17 10.67
C PRO B 323 -3.25 6.72 10.09
N TYR B 324 -4.09 5.85 9.51
CA TYR B 324 -5.44 6.23 9.07
C TYR B 324 -6.18 7.01 10.17
N PHE B 325 -5.87 6.76 11.46
CA PHE B 325 -6.67 7.32 12.54
C PHE B 325 -5.98 8.49 13.25
N TYR B 326 -4.79 8.91 12.79
CA TYR B 326 -4.05 9.96 13.48
C TYR B 326 -4.88 11.23 13.65
N THR B 327 -5.53 11.66 12.56
CA THR B 327 -6.39 12.85 12.60
C THR B 327 -7.46 12.70 13.69
N VAL B 328 -8.06 11.49 13.80
CA VAL B 328 -9.14 11.23 14.75
C VAL B 328 -8.63 11.22 16.19
N VAL B 329 -7.48 10.56 16.44
CA VAL B 329 -7.00 10.47 17.83
C VAL B 329 -6.52 11.84 18.31
N LYS B 330 -5.95 12.68 17.42
CA LYS B 330 -5.55 14.05 17.78
C LYS B 330 -6.80 14.86 18.16
N ASP B 331 -7.85 14.77 17.35
CA ASP B 331 -9.09 15.50 17.57
C ASP B 331 -9.80 15.06 18.86
N GLN B 332 -9.61 13.81 19.31
CA GLN B 332 -10.32 13.32 20.48
C GLN B 332 -9.60 13.70 21.78
N ALA B 333 -8.39 14.27 21.70
CA ALA B 333 -7.58 14.55 22.88
C ALA B 333 -7.35 16.06 23.04
S SO4 C . 42.70 16.02 -31.77
O1 SO4 C . 43.99 15.62 -32.26
O2 SO4 C . 42.69 16.00 -30.33
O3 SO4 C . 42.39 17.38 -32.20
O4 SO4 C . 41.71 15.10 -32.26
S SO4 D . 20.60 -10.87 -1.24
O1 SO4 D . 20.83 -11.83 -0.20
O2 SO4 D . 21.52 -9.76 -1.09
O3 SO4 D . 19.24 -10.38 -1.16
O4 SO4 D . 20.83 -11.49 -2.53
S SO4 E . 37.49 17.61 -31.89
O1 SO4 E . 38.55 18.58 -32.04
O2 SO4 E . 37.55 17.01 -30.58
O3 SO4 E . 36.20 18.27 -32.03
O4 SO4 E . 37.63 16.58 -32.89
S SO4 F . 8.73 -17.17 -3.92
O1 SO4 F . 9.63 -17.66 -2.92
O2 SO4 F . 7.34 -17.28 -3.50
O3 SO4 F . 9.06 -15.79 -4.17
O4 SO4 F . 8.90 -17.94 -5.11
S SO4 G . 25.10 3.96 -26.17
O1 SO4 G . 26.38 4.54 -25.92
O2 SO4 G . 25.00 2.72 -25.49
O3 SO4 G . 24.93 3.73 -27.57
O4 SO4 G . 24.10 4.86 -25.67
S SO4 H . 25.84 -4.77 -19.35
O1 SO4 H . 26.95 -4.82 -20.26
O2 SO4 H . 26.21 -5.40 -18.11
O3 SO4 H . 25.46 -3.38 -19.09
O4 SO4 H . 24.72 -5.46 -19.94
O1 X59 I . 30.54 12.68 -14.29
C2 X59 I . 30.14 13.88 -14.25
C3 X59 I . 30.46 14.68 -13.01
C4 X59 I . 30.02 15.99 -12.89
C5 X59 I . 30.30 16.72 -11.75
C6 X59 I . 31.20 14.13 -11.98
C7 X59 I . 31.48 14.85 -10.84
C8 X59 I . 31.04 16.17 -10.71
C9 X59 I . 31.32 16.95 -9.47
C10 X59 I . 30.90 18.27 -9.31
N11 X59 I . 31.14 18.97 -8.20
C12 X59 I . 31.82 18.34 -7.24
C13 X59 I . 32.25 17.01 -7.38
N14 X59 I . 32.92 16.43 -6.32
C15 X59 I . 33.50 15.20 -6.02
C16 X59 I . 34.08 15.06 -4.76
C17 X59 I . 34.63 13.85 -4.38
C18 X59 I . 34.60 12.77 -5.24
C19 X59 I . 34.02 12.91 -6.49
O20 X59 I . 34.02 11.77 -7.28
C21 X59 I . 33.48 11.82 -8.62
C22 X59 I . 34.22 10.76 -9.37
C23 X59 I . 31.99 11.56 -8.57
C24 X59 I . 33.46 14.11 -6.90
O25 X59 I . 34.05 16.17 -3.99
C26 X59 I . 34.62 16.09 -2.69
N27 X59 I . 32.00 16.33 -8.50
O28 X59 I . 29.51 14.44 -15.17
S SO4 J . -20.53 -7.60 -8.61
O1 SO4 J . -19.33 -8.07 -7.97
O2 SO4 J . -21.43 -8.70 -8.80
O3 SO4 J . -20.19 -7.01 -9.89
O4 SO4 J . -21.14 -6.59 -7.78
S SO4 K . -48.75 -4.21 24.07
O1 SO4 K . -47.80 -5.20 24.49
O2 SO4 K . -49.02 -3.23 25.10
O3 SO4 K . -48.20 -3.54 22.91
O4 SO4 K . -50.01 -4.86 23.77
S SO4 L . -7.26 -13.00 -13.18
O1 SO4 L . -6.59 -14.30 -13.19
O2 SO4 L . -8.46 -13.05 -12.37
O3 SO4 L . -7.63 -12.63 -14.51
O4 SO4 L . -6.34 -12.03 -12.67
S SO4 M . -23.94 -21.31 17.26
O1 SO4 M . -22.70 -20.76 16.79
O2 SO4 M . -23.68 -22.16 18.38
O3 SO4 M . -24.54 -22.10 16.24
O4 SO4 M . -24.84 -20.24 17.60
S SO4 N . -36.11 -19.98 31.66
O1 SO4 N . -36.52 -19.20 32.82
O2 SO4 N . -35.36 -21.14 32.10
O3 SO4 N . -35.27 -19.18 30.79
O4 SO4 N . -37.28 -20.41 30.94
S SO4 O . -25.19 -19.82 6.00
O1 SO4 O . -24.71 -21.15 5.72
O2 SO4 O . -24.81 -19.42 7.33
O3 SO4 O . -24.63 -18.90 5.04
O4 SO4 O . -26.62 -19.79 5.88
O1 X59 P . -30.58 -7.06 17.95
C2 X59 P . -30.27 -6.33 18.95
C3 X59 P . -30.68 -4.89 18.91
C4 X59 P . -30.33 -4.02 19.94
C5 X59 P . -30.70 -2.69 19.89
C6 X59 P . -31.43 -4.38 17.85
C7 X59 P . -31.81 -3.06 17.81
C8 X59 P . -31.45 -2.18 18.83
C9 X59 P . -31.84 -0.75 18.78
C10 X59 P . -31.52 0.15 19.80
N11 X59 P . -31.87 1.43 19.76
C12 X59 P . -32.55 1.84 18.67
C13 X59 P . -32.88 0.95 17.65
N14 X59 P . -33.57 1.45 16.56
C15 X59 P . -34.07 0.96 15.35
C16 X59 P . -34.71 1.87 14.50
C17 X59 P . -35.19 1.49 13.28
C18 X59 P . -35.05 0.17 12.87
C19 X59 P . -34.41 -0.74 13.70
O20 X59 P . -34.28 -2.03 13.22
C21 X59 P . -33.67 -3.05 14.05
C22 X59 P . -34.36 -4.32 13.70
C23 X59 P . -32.20 -3.08 13.76
C24 X59 P . -33.92 -0.36 14.94
O25 X59 P . -34.80 3.14 15.01
C26 X59 P . -35.44 4.12 14.20
N27 X59 P . -32.53 -0.34 17.70
O28 X59 P . -29.65 -6.74 19.95
#